data_2D5F
#
_entry.id   2D5F
#
_cell.length_a   112.334
_cell.length_b   112.334
_cell.length_c   191.410
_cell.angle_alpha   90.00
_cell.angle_beta   90.00
_cell.angle_gamma   120.00
#
_symmetry.space_group_name_H-M   'H 3'
#
loop_
_entity.id
_entity.type
_entity.pdbx_description
1 polymer 'glycinin A3B4 subunit'
2 non-polymer 'CARBONATE ION'
3 non-polymer 'MAGNESIUM ION'
4 water water
#
_entity_poly.entity_id   1
_entity_poly.type   'polypeptide(L)'
_entity_poly.pdbx_seq_one_letter_code
;ITSSKFNECQLNNLNALEPDHRVESEGGLIETWNSQHPELQCAGVTVSKRTLNRNGLHLPSYSPYPQMIIVVQGKGAIGF
AFPGCPETFEKPQQQSSRRGSRSQQQLQDSHQKIRHFNEGDVLVIPPGVPYWTYNTGDEPVVAISLLDTSNFNNQLDQNP
RVFYLAGNPDIEHPETMQQQQQQKSHGGRKQGQHQQQEEEGGSVLSGFSKHFLAQSFNTNEDTAEKLRSPDDERKQIVTV
EGGLSVISPKWQEQEDEDEDEDEEYEQTPSYPPRRPSHGKHEDDEDEDEEEDQPRPDHPPQRPSRPEQQEPRGRGCQTRN
GVEENICTMKLHENIARPSRADFYNPKAGRISTLNSLTLPALRQFGLSAQYVVLYRNGIYSPHWNLNANSVIYVTRGKGR
VRVVN(CSD)QGNAVFDGELRRGQLLVVPQNFVVAEQGGEQGLEYVVFKTHHNAVSSYIKDVFRAIPSEVLSNSYNLGQS
QVRQLKYQGNSGPLVNP
;
_entity_poly.pdbx_strand_id   A,B
#
loop_
_chem_comp.id
_chem_comp.type
_chem_comp.name
_chem_comp.formula
CO3 non-polymer 'CARBONATE ION' 'C O3 -2'
MG non-polymer 'MAGNESIUM ION' 'Mg 2'
#
# COMPACT_ATOMS: atom_id res chain seq x y z
N ASN A 7 -34.05 4.34 -17.09
CA ASN A 7 -33.33 4.98 -18.23
C ASN A 7 -32.50 6.15 -17.73
N GLU A 8 -32.05 6.04 -16.48
CA GLU A 8 -31.25 7.10 -15.86
C GLU A 8 -29.97 7.42 -16.62
N CYS A 9 -29.47 6.46 -17.39
CA CYS A 9 -28.25 6.68 -18.14
C CYS A 9 -28.46 6.95 -19.62
N GLN A 10 -29.72 6.96 -20.04
CA GLN A 10 -30.03 7.23 -21.44
C GLN A 10 -29.90 8.74 -21.55
N LEU A 11 -28.67 9.23 -21.41
CA LEU A 11 -28.38 10.65 -21.47
C LEU A 11 -27.80 11.06 -22.82
N ASN A 12 -28.42 12.05 -23.46
CA ASN A 12 -27.94 12.51 -24.75
C ASN A 12 -27.00 13.69 -24.54
N ASN A 13 -26.83 14.09 -23.29
CA ASN A 13 -25.95 15.20 -22.98
C ASN A 13 -25.29 15.04 -21.61
N LEU A 14 -24.03 15.44 -21.55
CA LEU A 14 -23.25 15.38 -20.31
C LEU A 14 -22.71 16.78 -20.05
N ASN A 15 -22.81 17.24 -18.82
CA ASN A 15 -22.33 18.57 -18.45
C ASN A 15 -21.15 18.50 -17.49
N ALA A 16 -20.29 19.51 -17.55
CA ALA A 16 -19.16 19.60 -16.63
C ALA A 16 -19.85 20.28 -15.45
N LEU A 17 -19.75 19.69 -14.26
CA LEU A 17 -20.41 20.26 -13.10
C LEU A 17 -19.47 20.81 -12.04
N GLU A 18 -19.94 21.85 -11.35
CA GLU A 18 -19.19 22.45 -10.27
C GLU A 18 -20.12 22.46 -9.06
N PRO A 19 -19.57 22.56 -7.84
CA PRO A 19 -20.41 22.56 -6.63
C PRO A 19 -21.58 23.54 -6.72
N ASP A 20 -22.72 23.19 -6.12
CA ASP A 20 -23.90 24.06 -6.16
C ASP A 20 -24.31 24.52 -4.75
N HIS A 21 -23.80 23.83 -3.73
CA HIS A 21 -24.14 24.15 -2.35
C HIS A 21 -22.91 24.26 -1.47
N ARG A 22 -23.00 25.08 -0.42
CA ARG A 22 -21.87 25.26 0.48
C ARG A 22 -22.29 25.39 1.94
N VAL A 23 -21.44 24.88 2.83
CA VAL A 23 -21.69 24.97 4.27
C VAL A 23 -20.46 25.60 4.90
N GLU A 24 -20.63 26.79 5.45
CA GLU A 24 -19.55 27.52 6.09
C GLU A 24 -19.53 27.14 7.56
N SER A 25 -18.38 26.72 8.07
CA SER A 25 -18.28 26.37 9.47
C SER A 25 -17.09 27.15 10.05
N GLU A 26 -16.92 27.07 11.36
CA GLU A 26 -15.85 27.79 12.03
C GLU A 26 -14.44 27.46 11.52
N GLY A 27 -14.14 26.18 11.36
CA GLY A 27 -12.81 25.80 10.93
C GLY A 27 -12.65 25.31 9.50
N GLY A 28 -13.71 25.42 8.71
CA GLY A 28 -13.61 24.96 7.33
C GLY A 28 -14.82 25.21 6.48
N LEU A 29 -14.82 24.58 5.31
CA LEU A 29 -15.89 24.73 4.35
C LEU A 29 -16.20 23.40 3.66
N ILE A 30 -17.48 23.16 3.39
CA ILE A 30 -17.89 21.95 2.70
C ILE A 30 -18.74 22.35 1.50
N GLU A 31 -18.27 22.00 0.31
CA GLU A 31 -19.00 22.31 -0.92
C GLU A 31 -19.46 21.01 -1.57
N THR A 32 -20.74 20.94 -1.94
CA THR A 32 -21.27 19.73 -2.55
C THR A 32 -21.93 19.92 -3.91
N TRP A 33 -21.93 18.82 -4.67
CA TRP A 33 -22.55 18.77 -5.99
C TRP A 33 -23.92 18.15 -5.73
N ASN A 34 -24.97 18.72 -6.33
CA ASN A 34 -26.33 18.22 -6.16
C ASN A 34 -26.45 16.80 -6.72
N SER A 35 -26.80 15.86 -5.86
CA SER A 35 -26.93 14.45 -6.28
C SER A 35 -28.00 14.21 -7.33
N GLN A 36 -28.86 15.19 -7.58
CA GLN A 36 -29.92 15.04 -8.56
C GLN A 36 -29.57 15.35 -10.01
N HIS A 37 -28.34 15.80 -10.27
CA HIS A 37 -27.94 16.05 -11.64
C HIS A 37 -28.10 14.72 -12.37
N PRO A 38 -28.71 14.74 -13.58
CA PRO A 38 -28.90 13.51 -14.34
C PRO A 38 -27.64 12.65 -14.43
N GLU A 39 -26.50 13.30 -14.63
CA GLU A 39 -25.23 12.60 -14.75
C GLU A 39 -24.87 11.82 -13.47
N LEU A 40 -24.97 12.49 -12.33
CA LEU A 40 -24.67 11.87 -11.05
C LEU A 40 -25.65 10.75 -10.70
N GLN A 41 -26.91 10.90 -11.13
CA GLN A 41 -27.89 9.87 -10.87
C GLN A 41 -27.60 8.63 -11.70
N CYS A 42 -27.11 8.82 -12.92
CA CYS A 42 -26.77 7.68 -13.77
C CYS A 42 -25.60 6.91 -13.18
N ALA A 43 -24.63 7.64 -12.63
CA ALA A 43 -23.45 7.01 -12.03
C ALA A 43 -23.74 6.48 -10.63
N GLY A 44 -24.85 6.92 -10.03
CA GLY A 44 -25.23 6.47 -8.71
C GLY A 44 -24.31 6.92 -7.57
N VAL A 45 -23.84 8.15 -7.65
CA VAL A 45 -22.94 8.71 -6.64
C VAL A 45 -23.12 10.22 -6.59
N THR A 46 -22.40 10.85 -5.67
CA THR A 46 -22.39 12.29 -5.58
C THR A 46 -21.00 12.66 -5.08
N VAL A 47 -20.67 13.95 -5.10
CA VAL A 47 -19.34 14.38 -4.70
C VAL A 47 -19.38 15.49 -3.67
N SER A 48 -18.32 15.58 -2.87
CA SER A 48 -18.23 16.60 -1.84
C SER A 48 -16.78 17.10 -1.72
N LYS A 49 -16.62 18.42 -1.66
CA LYS A 49 -15.28 18.98 -1.51
C LYS A 49 -15.20 19.55 -0.10
N ARG A 50 -14.20 19.10 0.66
CA ARG A 50 -14.04 19.54 2.03
C ARG A 50 -12.73 20.27 2.25
N THR A 51 -12.83 21.43 2.89
CA THR A 51 -11.66 22.25 3.16
C THR A 51 -11.50 22.44 4.66
N LEU A 52 -10.35 22.04 5.18
CA LEU A 52 -10.06 22.20 6.59
C LEU A 52 -9.01 23.30 6.70
N ASN A 53 -9.39 24.42 7.28
CA ASN A 53 -8.45 25.52 7.46
C ASN A 53 -7.47 25.16 8.57
N ARG A 54 -6.48 26.03 8.79
CA ARG A 54 -5.48 25.78 9.81
C ARG A 54 -6.12 25.38 11.14
N ASN A 55 -5.57 24.33 11.74
CA ASN A 55 -6.06 23.79 13.01
C ASN A 55 -7.51 23.32 12.90
N GLY A 56 -7.96 23.07 11.66
CA GLY A 56 -9.32 22.63 11.44
C GLY A 56 -9.55 21.15 11.75
N LEU A 57 -10.69 20.86 12.38
CA LEU A 57 -11.06 19.51 12.76
C LEU A 57 -12.46 19.18 12.26
N HIS A 58 -12.57 18.12 11.47
CA HIS A 58 -13.87 17.69 10.95
C HIS A 58 -14.40 16.72 12.01
N LEU A 59 -15.46 17.13 12.71
CA LEU A 59 -16.05 16.31 13.77
C LEU A 59 -16.44 14.90 13.32
N PRO A 60 -16.40 13.93 14.24
CA PRO A 60 -16.73 12.52 13.96
C PRO A 60 -18.08 12.31 13.29
N SER A 61 -18.10 11.49 12.22
CA SER A 61 -19.32 11.18 11.50
C SER A 61 -19.16 9.86 10.73
N TYR A 62 -20.27 9.33 10.25
CA TYR A 62 -20.25 8.10 9.48
C TYR A 62 -21.44 8.12 8.53
N SER A 63 -21.32 7.36 7.44
CA SER A 63 -22.36 7.27 6.42
C SER A 63 -22.54 5.81 6.01
N PRO A 64 -23.76 5.42 5.62
CA PRO A 64 -24.12 4.06 5.19
C PRO A 64 -23.57 3.58 3.85
N TYR A 65 -22.48 4.18 3.40
CA TYR A 65 -21.86 3.79 2.14
C TYR A 65 -20.40 4.19 2.19
N PRO A 66 -19.58 3.62 1.31
CA PRO A 66 -18.16 3.97 1.33
C PRO A 66 -17.89 5.30 0.62
N GLN A 67 -16.80 5.95 1.03
CA GLN A 67 -16.38 7.20 0.43
C GLN A 67 -14.93 7.02 0.02
N MET A 68 -14.58 7.53 -1.16
CA MET A 68 -13.20 7.48 -1.62
C MET A 68 -12.81 8.94 -1.72
N ILE A 69 -11.76 9.32 -1.00
CA ILE A 69 -11.34 10.71 -0.94
C ILE A 69 -9.92 10.95 -1.44
N ILE A 70 -9.76 11.92 -2.34
CA ILE A 70 -8.42 12.27 -2.79
C ILE A 70 -8.08 13.61 -2.15
N VAL A 71 -6.90 13.68 -1.55
CA VAL A 71 -6.46 14.92 -0.91
C VAL A 71 -5.68 15.68 -1.97
N VAL A 72 -6.18 16.85 -2.35
CA VAL A 72 -5.52 17.63 -3.39
C VAL A 72 -4.59 18.71 -2.86
N GLN A 73 -4.69 19.02 -1.57
CA GLN A 73 -3.85 20.04 -0.98
C GLN A 73 -3.73 19.89 0.53
N GLY A 74 -2.53 20.17 1.05
CA GLY A 74 -2.31 20.10 2.49
C GLY A 74 -1.89 18.75 3.05
N LYS A 75 -1.83 18.70 4.37
CA LYS A 75 -1.45 17.49 5.07
C LYS A 75 -2.27 17.41 6.36
N GLY A 76 -2.58 16.19 6.78
CA GLY A 76 -3.37 16.04 7.99
C GLY A 76 -3.38 14.64 8.55
N ALA A 77 -4.32 14.40 9.43
CA ALA A 77 -4.45 13.10 10.06
C ALA A 77 -5.91 12.67 10.06
N ILE A 78 -6.13 11.38 9.89
CA ILE A 78 -7.47 10.83 9.91
C ILE A 78 -7.50 9.69 10.90
N GLY A 79 -8.56 9.63 11.70
CA GLY A 79 -8.70 8.58 12.68
C GLY A 79 -10.05 7.93 12.52
N PHE A 80 -10.09 6.61 12.65
CA PHE A 80 -11.35 5.87 12.54
C PHE A 80 -11.65 5.24 13.87
N ALA A 81 -12.90 4.81 14.04
CA ALA A 81 -13.31 4.13 15.26
C ALA A 81 -13.85 2.77 14.84
N PHE A 82 -12.97 1.78 14.84
CA PHE A 82 -13.35 0.42 14.47
C PHE A 82 -13.97 -0.22 15.72
N PRO A 83 -15.21 -0.72 15.59
CA PRO A 83 -15.97 -1.35 16.67
C PRO A 83 -15.35 -2.57 17.33
N GLY A 84 -15.23 -2.51 18.65
CA GLY A 84 -14.68 -3.62 19.40
C GLY A 84 -13.18 -3.79 19.32
N CYS A 85 -12.50 -2.95 18.55
CA CYS A 85 -11.06 -3.06 18.42
C CYS A 85 -10.33 -2.39 19.59
N PRO A 86 -9.18 -2.95 19.99
CA PRO A 86 -8.40 -2.38 21.09
C PRO A 86 -7.74 -1.04 20.79
N GLU A 87 -7.51 -0.25 21.83
CA GLU A 87 -6.86 1.05 21.71
C GLU A 87 -5.35 0.81 21.73
N THR A 88 -4.74 0.65 20.56
CA THR A 88 -3.30 0.35 20.48
C THR A 88 -2.32 1.50 20.65
N PHE A 89 -2.82 2.73 20.69
CA PHE A 89 -1.97 3.91 20.90
C PHE A 89 -2.26 4.37 22.32
N GLU A 90 -1.26 4.33 23.19
CA GLU A 90 -1.45 4.73 24.58
C GLU A 90 -0.29 5.50 25.20
N LYS A 91 -0.62 6.48 26.03
CA LYS A 91 0.40 7.26 26.73
C LYS A 91 0.18 7.10 28.22
N PRO A 92 1.18 6.54 28.93
CA PRO A 92 1.10 6.31 30.38
C PRO A 92 0.97 7.60 31.19
N GLN A 106 -2.22 4.19 35.67
CA GLN A 106 -3.30 4.80 34.89
C GLN A 106 -2.83 5.32 33.55
N LEU A 107 -3.74 5.37 32.59
CA LEU A 107 -3.41 5.85 31.26
C LEU A 107 -3.85 7.30 31.11
N GLN A 108 -2.94 8.15 30.67
CA GLN A 108 -3.28 9.55 30.47
C GLN A 108 -4.32 9.55 29.34
N ASP A 109 -4.12 8.65 28.39
CA ASP A 109 -5.05 8.49 27.27
C ASP A 109 -4.65 7.33 26.37
N SER A 110 -5.63 6.82 25.64
CA SER A 110 -5.43 5.72 24.71
C SER A 110 -6.51 5.84 23.63
N HIS A 111 -6.14 5.53 22.40
CA HIS A 111 -7.08 5.62 21.30
C HIS A 111 -6.57 4.77 20.15
N GLN A 112 -7.41 4.59 19.14
CA GLN A 112 -6.99 3.79 17.99
C GLN A 112 -5.95 4.49 17.13
N LYS A 113 -5.35 3.74 16.21
CA LYS A 113 -4.30 4.23 15.34
C LYS A 113 -4.61 5.56 14.65
N ILE A 114 -3.60 6.41 14.53
CA ILE A 114 -3.74 7.69 13.86
C ILE A 114 -3.05 7.54 12.51
N ARG A 115 -3.76 7.87 11.43
CA ARG A 115 -3.21 7.74 10.09
C ARG A 115 -2.93 9.11 9.49
N HIS A 116 -1.71 9.31 9.00
CA HIS A 116 -1.32 10.58 8.40
C HIS A 116 -1.51 10.55 6.90
N PHE A 117 -1.87 11.70 6.34
CA PHE A 117 -2.04 11.80 4.90
C PHE A 117 -1.46 13.12 4.37
N ASN A 118 -1.19 13.15 3.07
CA ASN A 118 -0.64 14.32 2.40
C ASN A 118 -1.36 14.45 1.07
N GLU A 119 -1.10 15.54 0.35
CA GLU A 119 -1.72 15.74 -0.95
C GLU A 119 -1.28 14.62 -1.88
N GLY A 120 -2.22 14.13 -2.69
CA GLY A 120 -1.90 13.05 -3.60
C GLY A 120 -2.36 11.71 -3.03
N ASP A 121 -2.76 11.71 -1.75
CA ASP A 121 -3.23 10.49 -1.12
C ASP A 121 -4.72 10.29 -1.31
N VAL A 122 -5.13 9.03 -1.36
CA VAL A 122 -6.53 8.68 -1.47
C VAL A 122 -6.88 8.00 -0.16
N LEU A 123 -7.98 8.43 0.45
CA LEU A 123 -8.45 7.85 1.70
C LEU A 123 -9.75 7.10 1.40
N VAL A 124 -10.00 6.04 2.14
CA VAL A 124 -11.21 5.25 1.96
C VAL A 124 -11.97 5.19 3.28
N ILE A 125 -13.24 5.55 3.27
CA ILE A 125 -14.04 5.51 4.49
C ILE A 125 -15.02 4.34 4.40
N PRO A 126 -14.89 3.35 5.31
CA PRO A 126 -15.81 2.21 5.27
C PRO A 126 -17.22 2.61 5.68
N PRO A 127 -18.23 1.87 5.18
CA PRO A 127 -19.63 2.16 5.53
C PRO A 127 -19.86 1.99 7.03
N GLY A 128 -20.56 2.94 7.64
CA GLY A 128 -20.86 2.85 9.06
C GLY A 128 -19.75 3.11 10.05
N VAL A 129 -18.51 3.27 9.57
CA VAL A 129 -17.40 3.50 10.47
C VAL A 129 -17.15 4.99 10.70
N PRO A 130 -17.16 5.42 11.97
CA PRO A 130 -16.92 6.84 12.28
C PRO A 130 -15.48 7.25 11.96
N TYR A 131 -15.30 8.47 11.46
CA TYR A 131 -13.96 8.98 11.18
C TYR A 131 -13.94 10.49 11.44
N TRP A 132 -12.76 11.01 11.71
CA TRP A 132 -12.56 12.43 11.94
C TRP A 132 -11.23 12.79 11.29
N THR A 133 -11.10 14.04 10.89
CA THR A 133 -9.88 14.49 10.25
C THR A 133 -9.41 15.81 10.84
N TYR A 134 -8.11 16.04 10.79
CA TYR A 134 -7.51 17.23 11.34
C TYR A 134 -6.36 17.73 10.45
N ASN A 135 -6.32 19.04 10.23
CA ASN A 135 -5.28 19.66 9.43
C ASN A 135 -4.04 19.84 10.32
N THR A 136 -2.93 19.23 9.94
CA THR A 136 -1.70 19.35 10.72
C THR A 136 -0.71 20.37 10.14
N GLY A 137 -1.10 21.01 9.04
CA GLY A 137 -0.20 21.99 8.43
C GLY A 137 -0.75 23.41 8.47
N ASP A 138 -0.06 24.32 7.80
CA ASP A 138 -0.49 25.71 7.76
C ASP A 138 -1.51 25.98 6.67
N GLU A 139 -1.23 25.54 5.44
CA GLU A 139 -2.19 25.76 4.37
C GLU A 139 -3.39 24.86 4.62
N PRO A 140 -4.56 25.25 4.09
CA PRO A 140 -5.73 24.40 4.33
C PRO A 140 -5.69 23.07 3.58
N VAL A 141 -6.38 22.08 4.12
CA VAL A 141 -6.47 20.77 3.52
C VAL A 141 -7.70 20.81 2.62
N VAL A 142 -7.53 20.40 1.36
CA VAL A 142 -8.64 20.38 0.43
C VAL A 142 -8.75 18.94 -0.05
N ALA A 143 -9.95 18.38 0.08
CA ALA A 143 -10.18 17.00 -0.30
C ALA A 143 -11.50 16.85 -1.05
N ILE A 144 -11.48 16.01 -2.08
CA ILE A 144 -12.66 15.73 -2.89
C ILE A 144 -13.12 14.31 -2.54
N SER A 145 -14.36 14.18 -2.11
CA SER A 145 -14.87 12.87 -1.74
C SER A 145 -15.96 12.34 -2.65
N LEU A 146 -15.77 11.12 -3.13
CA LEU A 146 -16.74 10.44 -3.96
C LEU A 146 -17.64 9.68 -2.98
N LEU A 147 -18.90 10.08 -2.87
CA LEU A 147 -19.84 9.42 -1.98
C LEU A 147 -20.59 8.38 -2.81
N ASP A 148 -20.20 7.12 -2.64
CA ASP A 148 -20.78 6.01 -3.39
C ASP A 148 -22.13 5.58 -2.84
N THR A 149 -23.12 6.45 -3.02
CA THR A 149 -24.47 6.22 -2.54
C THR A 149 -25.17 5.00 -3.11
N SER A 150 -24.86 4.63 -4.35
CA SER A 150 -25.50 3.47 -4.95
C SER A 150 -24.85 2.16 -4.55
N ASN A 151 -23.81 2.23 -3.72
CA ASN A 151 -23.12 1.02 -3.30
C ASN A 151 -24.07 -0.05 -2.75
N PHE A 152 -23.79 -1.30 -3.12
CA PHE A 152 -24.59 -2.45 -2.69
C PHE A 152 -24.74 -2.55 -1.17
N ASN A 153 -23.78 -2.02 -0.41
CA ASN A 153 -23.85 -2.09 1.04
C ASN A 153 -24.85 -1.10 1.63
N ASN A 154 -25.22 -0.09 0.86
CA ASN A 154 -26.17 0.91 1.32
C ASN A 154 -27.57 0.32 1.17
N GLN A 155 -28.17 -0.08 2.29
CA GLN A 155 -29.51 -0.67 2.24
C GLN A 155 -30.63 0.31 2.56
N LEU A 156 -30.29 1.59 2.65
CA LEU A 156 -31.30 2.62 2.92
C LEU A 156 -31.88 3.04 1.57
N ASP A 157 -31.38 4.14 1.02
CA ASP A 157 -31.81 4.57 -0.30
C ASP A 157 -30.70 5.39 -0.91
N GLN A 158 -30.84 5.73 -2.18
CA GLN A 158 -29.80 6.48 -2.88
C GLN A 158 -29.47 7.88 -2.39
N ASN A 159 -30.03 8.29 -1.26
CA ASN A 159 -29.76 9.62 -0.73
C ASN A 159 -28.49 9.68 0.11
N PRO A 160 -27.67 10.71 -0.07
CA PRO A 160 -26.46 10.77 0.75
C PRO A 160 -26.89 11.11 2.18
N ARG A 161 -26.22 10.54 3.18
CA ARG A 161 -26.56 10.80 4.57
C ARG A 161 -25.31 10.83 5.42
N VAL A 162 -25.27 11.75 6.38
CA VAL A 162 -24.14 11.88 7.27
C VAL A 162 -24.62 11.88 8.71
N PHE A 163 -24.22 10.87 9.47
CA PHE A 163 -24.59 10.75 10.87
C PHE A 163 -23.46 11.32 11.73
N TYR A 164 -23.65 12.51 12.28
CA TYR A 164 -22.62 13.10 13.12
C TYR A 164 -22.75 12.61 14.56
N LEU A 165 -21.63 12.32 15.17
CA LEU A 165 -21.59 11.85 16.55
C LEU A 165 -21.44 13.02 17.51
N ALA A 166 -21.06 14.18 16.96
CA ALA A 166 -20.86 15.39 17.77
C ALA A 166 -21.13 16.67 16.97
N GLY A 167 -21.32 17.77 17.69
CA GLY A 167 -21.57 19.04 17.05
C GLY A 167 -23.01 19.27 16.62
N ASN A 168 -23.20 20.43 16.00
CA ASN A 168 -24.51 20.85 15.52
C ASN A 168 -24.29 21.27 14.08
N PRO A 169 -24.30 20.29 13.16
CA PRO A 169 -24.08 20.52 11.73
C PRO A 169 -25.26 21.07 10.94
N ASP A 170 -24.94 21.64 9.79
CA ASP A 170 -25.94 22.15 8.86
C ASP A 170 -26.03 21.02 7.84
N ILE A 171 -27.17 20.88 7.16
CA ILE A 171 -27.31 19.81 6.18
C ILE A 171 -26.31 20.01 5.03
N GLU A 172 -25.52 18.98 4.75
CA GLU A 172 -24.53 19.08 3.67
C GLU A 172 -25.13 18.81 2.31
N HIS A 173 -26.20 18.00 2.27
CA HIS A 173 -26.86 17.69 1.01
C HIS A 173 -28.34 18.00 1.17
N PRO A 174 -28.70 19.28 1.03
CA PRO A 174 -30.07 19.78 1.16
C PRO A 174 -31.07 19.23 0.13
N GLU A 175 -30.60 18.92 -1.07
CA GLU A 175 -31.49 18.41 -2.11
C GLU A 175 -32.27 17.18 -1.65
N THR A 176 -31.74 16.46 -0.68
CA THR A 176 -32.41 15.26 -0.19
C THR A 176 -33.66 15.54 0.64
N MET A 177 -33.66 16.65 1.36
CA MET A 177 -34.81 17.03 2.18
C MET A 177 -36.09 17.12 1.35
N GLN A 178 -35.96 17.59 0.11
CA GLN A 178 -37.09 17.72 -0.79
C GLN A 178 -37.80 16.38 -0.98
N GLU A 200 -33.37 21.90 9.73
CA GLU A 200 -32.18 21.93 10.58
C GLU A 200 -31.57 20.54 10.73
N GLY A 201 -31.18 20.20 11.94
CA GLY A 201 -30.59 18.89 12.18
C GLY A 201 -29.40 18.96 13.11
N GLY A 202 -29.21 17.91 13.91
CA GLY A 202 -28.11 17.86 14.84
C GLY A 202 -27.38 16.53 14.79
N SER A 203 -26.65 16.24 15.86
CA SER A 203 -25.89 14.99 15.96
C SER A 203 -26.84 13.88 16.39
N VAL A 204 -26.41 12.63 16.24
CA VAL A 204 -27.25 11.52 16.63
C VAL A 204 -27.44 11.54 18.15
N LEU A 205 -26.46 12.09 18.87
CA LEU A 205 -26.56 12.15 20.32
C LEU A 205 -27.58 13.19 20.80
N SER A 206 -27.83 14.21 19.99
CA SER A 206 -28.80 15.25 20.36
C SER A 206 -30.22 14.69 20.32
N GLY A 207 -30.38 13.51 19.73
CA GLY A 207 -31.69 12.88 19.66
C GLY A 207 -32.07 12.16 20.95
N PHE A 208 -31.15 12.14 21.91
CA PHE A 208 -31.39 11.50 23.21
C PHE A 208 -31.44 12.59 24.28
N SER A 209 -32.11 12.33 25.39
CA SER A 209 -32.19 13.31 26.46
C SER A 209 -30.88 13.24 27.23
N LYS A 210 -30.53 14.32 27.93
CA LYS A 210 -29.28 14.30 28.69
C LYS A 210 -29.40 13.31 29.82
N HIS A 211 -30.62 13.13 30.33
CA HIS A 211 -30.84 12.20 31.42
C HIS A 211 -30.47 10.78 31.01
N PHE A 212 -31.01 10.33 29.88
CA PHE A 212 -30.74 8.98 29.39
C PHE A 212 -29.26 8.83 28.98
N LEU A 213 -28.69 9.88 28.40
CA LEU A 213 -27.29 9.84 28.00
C LEU A 213 -26.44 9.67 29.26
N ALA A 214 -26.83 10.36 30.32
CA ALA A 214 -26.12 10.27 31.60
C ALA A 214 -26.18 8.86 32.16
N GLN A 215 -27.34 8.21 32.05
CA GLN A 215 -27.49 6.86 32.54
C GLN A 215 -26.74 5.86 31.66
N SER A 216 -26.89 6.02 30.34
CA SER A 216 -26.25 5.15 29.36
C SER A 216 -24.73 5.08 29.46
N PHE A 217 -24.11 6.25 29.58
CA PHE A 217 -22.67 6.38 29.65
C PHE A 217 -22.12 6.47 31.08
N ASN A 218 -22.97 6.22 32.07
CA ASN A 218 -22.54 6.29 33.46
C ASN A 218 -21.83 7.61 33.73
N THR A 219 -22.42 8.71 33.28
CA THR A 219 -21.84 10.03 33.47
C THR A 219 -22.84 10.98 34.13
N ASN A 220 -22.37 12.16 34.56
CA ASN A 220 -23.27 13.10 35.20
C ASN A 220 -23.97 13.97 34.16
N GLU A 221 -25.12 14.51 34.55
CA GLU A 221 -25.95 15.35 33.68
C GLU A 221 -25.17 16.46 32.98
N ASP A 222 -24.18 17.01 33.67
CA ASP A 222 -23.36 18.08 33.13
C ASP A 222 -22.66 17.64 31.84
N THR A 223 -21.92 16.54 31.93
CA THR A 223 -21.21 16.00 30.78
C THR A 223 -22.22 15.59 29.70
N ALA A 224 -23.26 14.88 30.12
CA ALA A 224 -24.31 14.40 29.22
C ALA A 224 -24.95 15.53 28.43
N GLU A 225 -25.15 16.68 29.08
CA GLU A 225 -25.74 17.82 28.42
C GLU A 225 -24.83 18.25 27.28
N LYS A 226 -23.52 18.29 27.55
CA LYS A 226 -22.52 18.68 26.57
C LYS A 226 -22.44 17.73 25.39
N LEU A 227 -22.70 16.45 25.64
CA LEU A 227 -22.64 15.44 24.58
C LEU A 227 -23.67 15.71 23.50
N ARG A 228 -24.64 16.58 23.79
CA ARG A 228 -25.69 16.92 22.85
C ARG A 228 -25.43 18.17 22.02
N SER A 229 -24.31 18.84 22.28
CA SER A 229 -23.91 20.04 21.55
C SER A 229 -25.03 21.08 21.45
N PRO A 230 -25.72 21.36 22.56
CA PRO A 230 -26.82 22.33 22.61
C PRO A 230 -26.52 23.78 22.23
N ASP A 231 -25.36 24.31 22.60
CA ASP A 231 -25.04 25.70 22.28
C ASP A 231 -23.83 25.82 21.36
N ASP A 232 -23.65 24.82 20.52
CA ASP A 232 -22.52 24.81 19.59
C ASP A 232 -22.91 25.46 18.27
N GLU A 233 -22.25 26.57 17.95
CA GLU A 233 -22.52 27.31 16.71
C GLU A 233 -21.38 27.19 15.70
N ARG A 234 -20.43 26.31 15.99
CA ARG A 234 -19.26 26.12 15.13
C ARG A 234 -19.51 25.28 13.86
N LYS A 235 -20.62 24.53 13.84
CA LYS A 235 -20.97 23.66 12.71
C LYS A 235 -20.06 22.43 12.69
N GLN A 236 -20.07 21.67 11.59
CA GLN A 236 -19.29 20.42 11.52
C GLN A 236 -17.76 20.46 11.46
N ILE A 237 -17.16 21.58 11.07
CA ILE A 237 -15.70 21.67 11.05
C ILE A 237 -15.33 22.81 12.00
N VAL A 238 -14.58 22.49 13.05
CA VAL A 238 -14.19 23.47 14.04
C VAL A 238 -12.70 23.80 14.04
N THR A 239 -12.36 24.91 14.69
CA THR A 239 -10.96 25.33 14.80
C THR A 239 -10.45 24.99 16.18
N VAL A 240 -9.40 24.18 16.25
CA VAL A 240 -8.82 23.80 17.53
C VAL A 240 -7.82 24.85 17.95
N GLU A 241 -8.22 25.73 18.86
CA GLU A 241 -7.33 26.79 19.31
C GLU A 241 -6.16 26.19 20.07
N GLY A 242 -4.96 26.59 19.68
CA GLY A 242 -3.76 26.08 20.32
C GLY A 242 -3.26 24.85 19.58
N GLY A 243 -4.12 24.27 18.76
CA GLY A 243 -3.73 23.09 18.01
C GLY A 243 -4.17 21.82 18.71
N LEU A 244 -4.40 20.78 17.93
CA LEU A 244 -4.83 19.50 18.46
C LEU A 244 -3.61 18.65 18.81
N SER A 245 -3.70 17.91 19.91
CA SER A 245 -2.62 17.05 20.36
C SER A 245 -3.13 15.62 20.57
N VAL A 246 -2.49 14.66 19.91
CA VAL A 246 -2.87 13.25 20.04
C VAL A 246 -1.64 12.36 20.14
N ILE A 247 -1.85 11.09 20.48
CA ILE A 247 -0.74 10.16 20.61
C ILE A 247 -0.34 9.70 19.21
N SER A 248 0.95 9.84 18.87
CA SER A 248 1.44 9.45 17.56
C SER A 248 2.94 9.68 17.46
N PRO A 249 3.67 8.77 16.79
CA PRO A 249 5.12 8.89 16.63
C PRO A 249 5.57 10.25 16.08
N LYS A 250 4.88 10.74 15.06
CA LYS A 250 5.22 12.04 14.49
C LYS A 250 3.99 12.94 14.64
N TRP A 251 4.21 14.18 15.07
CA TRP A 251 3.11 15.11 15.26
C TRP A 251 3.59 16.49 15.72
N GLY A 321 -2.92 -10.28 17.54
CA GLY A 321 -4.33 -10.62 17.58
C GLY A 321 -5.14 -9.86 16.54
N VAL A 322 -6.44 -9.70 16.77
CA VAL A 322 -7.28 -8.97 15.83
C VAL A 322 -6.68 -7.60 15.51
N GLU A 323 -5.84 -7.09 16.41
CA GLU A 323 -5.19 -5.81 16.20
C GLU A 323 -4.43 -5.87 14.88
N GLU A 324 -3.30 -6.58 14.92
CA GLU A 324 -2.40 -6.76 13.79
C GLU A 324 -3.00 -6.76 12.40
N ASN A 325 -4.24 -7.21 12.27
CA ASN A 325 -4.88 -7.26 10.97
C ASN A 325 -6.10 -6.33 10.81
N ILE A 326 -7.28 -6.94 10.76
CA ILE A 326 -8.55 -6.23 10.57
C ILE A 326 -8.63 -4.89 11.30
N CYS A 327 -8.41 -4.91 12.60
CA CYS A 327 -8.48 -3.69 13.39
C CYS A 327 -7.57 -2.56 12.95
N THR A 328 -6.62 -2.84 12.07
CA THR A 328 -5.72 -1.80 11.62
C THR A 328 -5.49 -1.85 10.11
N MET A 329 -6.51 -2.29 9.36
CA MET A 329 -6.44 -2.39 7.90
C MET A 329 -6.10 -1.09 7.19
N LYS A 330 -5.34 -1.20 6.11
CA LYS A 330 -4.90 -0.07 5.33
C LYS A 330 -6.07 0.63 4.66
N LEU A 331 -6.23 1.91 4.97
CA LEU A 331 -7.31 2.72 4.41
C LEU A 331 -6.84 3.96 3.67
N HIS A 332 -5.57 3.98 3.28
CA HIS A 332 -5.05 5.13 2.55
C HIS A 332 -3.84 4.75 1.72
N GLU A 333 -3.72 5.36 0.55
CA GLU A 333 -2.64 5.07 -0.37
C GLU A 333 -2.41 6.25 -1.29
N ASN A 334 -1.14 6.59 -1.53
CA ASN A 334 -0.83 7.69 -2.43
C ASN A 334 -1.11 7.25 -3.86
N ILE A 335 -1.73 8.12 -4.65
CA ILE A 335 -2.01 7.74 -6.03
C ILE A 335 -1.40 8.69 -7.05
N ALA A 336 -1.08 9.91 -6.61
CA ALA A 336 -0.55 10.93 -7.51
C ALA A 336 0.96 11.09 -7.73
N ARG A 337 1.79 10.49 -6.88
CA ARG A 337 3.25 10.62 -7.06
C ARG A 337 3.68 10.17 -8.44
N PRO A 338 4.62 10.91 -9.06
CA PRO A 338 5.13 10.56 -10.39
C PRO A 338 5.60 9.11 -10.47
N SER A 339 6.40 8.71 -9.49
CA SER A 339 6.96 7.36 -9.44
C SER A 339 5.95 6.20 -9.39
N ARG A 340 4.71 6.48 -9.00
CA ARG A 340 3.70 5.42 -8.94
C ARG A 340 2.99 5.12 -10.26
N ALA A 341 3.39 5.80 -11.33
CA ALA A 341 2.78 5.59 -12.63
C ALA A 341 2.82 4.15 -13.11
N ASP A 342 1.70 3.67 -13.65
CA ASP A 342 1.60 2.33 -14.18
C ASP A 342 1.77 2.36 -15.69
N PHE A 343 1.44 3.52 -16.28
CA PHE A 343 1.57 3.78 -17.72
C PHE A 343 2.40 5.06 -17.83
N TYR A 344 3.33 5.12 -18.78
CA TYR A 344 4.17 6.31 -18.90
C TYR A 344 4.84 6.49 -20.26
N ASN A 345 4.73 7.71 -20.78
CA ASN A 345 5.32 8.12 -22.04
C ASN A 345 5.81 9.52 -21.67
N PRO A 346 7.13 9.68 -21.47
CA PRO A 346 7.73 10.97 -21.10
C PRO A 346 7.31 12.17 -21.93
N LYS A 347 6.82 11.94 -23.14
CA LYS A 347 6.41 13.04 -23.99
C LYS A 347 4.90 13.26 -24.01
N ALA A 348 4.16 12.34 -23.39
CA ALA A 348 2.70 12.46 -23.39
C ALA A 348 2.07 12.56 -22.00
N GLY A 349 2.45 11.66 -21.09
CA GLY A 349 1.89 11.72 -19.75
C GLY A 349 2.00 10.43 -18.96
N ARG A 350 1.19 10.31 -17.91
CA ARG A 350 1.20 9.11 -17.06
C ARG A 350 -0.17 8.75 -16.51
N ILE A 351 -0.35 7.48 -16.23
CA ILE A 351 -1.60 6.95 -15.69
C ILE A 351 -1.26 6.03 -14.52
N SER A 352 -1.93 6.23 -13.40
CA SER A 352 -1.71 5.39 -12.23
C SER A 352 -3.05 4.81 -11.81
N THR A 353 -3.04 3.53 -11.43
CA THR A 353 -4.27 2.86 -11.03
C THR A 353 -4.24 2.46 -9.57
N LEU A 354 -5.35 2.67 -8.88
CA LEU A 354 -5.48 2.29 -7.48
C LEU A 354 -6.73 1.41 -7.40
N ASN A 355 -6.56 0.14 -7.06
CA ASN A 355 -7.68 -0.77 -6.97
C ASN A 355 -7.44 -1.80 -5.85
N SER A 356 -8.31 -2.79 -5.78
CA SER A 356 -8.22 -3.82 -4.75
C SER A 356 -6.88 -4.58 -4.71
N LEU A 357 -6.11 -4.52 -5.80
CA LEU A 357 -4.81 -5.19 -5.84
C LEU A 357 -3.76 -4.39 -5.09
N THR A 358 -4.03 -3.10 -4.88
CA THR A 358 -3.08 -2.27 -4.17
C THR A 358 -3.63 -1.92 -2.78
N LEU A 359 -4.95 -1.84 -2.68
CA LEU A 359 -5.60 -1.53 -1.41
C LEU A 359 -6.76 -2.52 -1.27
N PRO A 360 -6.51 -3.66 -0.60
CA PRO A 360 -7.44 -4.77 -0.35
C PRO A 360 -8.85 -4.45 0.12
N ALA A 361 -8.99 -3.46 1.00
CA ALA A 361 -10.30 -3.08 1.51
C ALA A 361 -11.27 -2.70 0.40
N LEU A 362 -10.75 -2.19 -0.70
CA LEU A 362 -11.58 -1.76 -1.83
C LEU A 362 -12.44 -2.91 -2.38
N ARG A 363 -11.94 -4.14 -2.24
CA ARG A 363 -12.67 -5.30 -2.71
C ARG A 363 -14.09 -5.29 -2.12
N GLN A 364 -14.22 -4.90 -0.86
CA GLN A 364 -15.53 -4.86 -0.21
C GLN A 364 -16.35 -3.59 -0.48
N PHE A 365 -15.70 -2.53 -0.95
CA PHE A 365 -16.40 -1.26 -1.18
C PHE A 365 -16.79 -0.93 -2.63
N GLY A 366 -16.41 -1.79 -3.57
CA GLY A 366 -16.76 -1.57 -4.97
C GLY A 366 -16.24 -0.28 -5.59
N LEU A 367 -15.02 0.11 -5.23
CA LEU A 367 -14.45 1.34 -5.74
C LEU A 367 -12.98 1.24 -6.10
N SER A 368 -12.57 2.04 -7.08
CA SER A 368 -11.18 2.12 -7.52
C SER A 368 -10.99 3.48 -8.17
N ALA A 369 -9.76 3.81 -8.52
CA ALA A 369 -9.50 5.10 -9.15
C ALA A 369 -8.23 5.10 -9.98
N GLN A 370 -8.04 6.18 -10.72
CA GLN A 370 -6.83 6.36 -11.53
C GLN A 370 -6.45 7.83 -11.44
N TYR A 371 -5.17 8.12 -11.55
CA TYR A 371 -4.74 9.50 -11.54
C TYR A 371 -4.03 9.70 -12.87
N VAL A 372 -4.54 10.64 -13.66
CA VAL A 372 -3.97 10.90 -14.96
C VAL A 372 -3.29 12.27 -15.05
N VAL A 373 -2.11 12.28 -15.65
CA VAL A 373 -1.35 13.50 -15.85
C VAL A 373 -0.98 13.57 -17.32
N LEU A 374 -1.51 14.56 -18.02
CA LEU A 374 -1.19 14.73 -19.44
C LEU A 374 -0.34 15.99 -19.60
N TYR A 375 0.75 15.86 -20.33
CA TYR A 375 1.63 17.00 -20.57
C TYR A 375 1.02 17.81 -21.71
N ARG A 376 1.64 18.94 -22.03
CA ARG A 376 1.16 19.80 -23.11
C ARG A 376 0.83 19.01 -24.36
N ASN A 377 -0.41 19.11 -24.81
CA ASN A 377 -0.90 18.43 -26.01
C ASN A 377 -0.87 16.90 -25.92
N GLY A 378 -0.60 16.38 -24.73
CA GLY A 378 -0.57 14.93 -24.56
C GLY A 378 -1.98 14.38 -24.73
N ILE A 379 -2.09 13.23 -25.37
CA ILE A 379 -3.39 12.61 -25.59
C ILE A 379 -3.57 11.24 -24.93
N TYR A 380 -4.72 11.04 -24.31
CA TYR A 380 -5.07 9.75 -23.73
C TYR A 380 -6.08 9.32 -24.80
N SER A 381 -5.61 8.49 -25.74
CA SER A 381 -6.43 8.06 -26.86
C SER A 381 -7.74 7.39 -26.48
N PRO A 382 -8.71 7.37 -27.42
CA PRO A 382 -10.03 6.77 -27.20
C PRO A 382 -10.02 5.48 -26.40
N HIS A 383 -10.68 5.50 -25.25
CA HIS A 383 -10.77 4.33 -24.40
C HIS A 383 -12.14 4.28 -23.70
N TRP A 384 -12.45 3.14 -23.11
CA TRP A 384 -13.71 3.00 -22.38
C TRP A 384 -13.52 2.03 -21.21
N ASN A 385 -14.39 2.14 -20.22
CA ASN A 385 -14.33 1.24 -19.07
C ASN A 385 -15.32 0.13 -19.31
N LEU A 386 -14.86 -1.10 -19.22
CA LEU A 386 -15.72 -2.25 -19.44
C LEU A 386 -16.75 -2.53 -18.35
N ASN A 387 -16.34 -2.36 -17.09
CA ASN A 387 -17.20 -2.70 -15.96
C ASN A 387 -17.51 -1.65 -14.89
N ALA A 388 -17.54 -0.37 -15.27
CA ALA A 388 -17.82 0.64 -14.25
C ALA A 388 -18.10 2.03 -14.80
N ASN A 389 -18.88 2.79 -14.04
CA ASN A 389 -19.16 4.17 -14.39
C ASN A 389 -17.96 4.90 -13.83
N SER A 390 -17.64 6.06 -14.40
CA SER A 390 -16.48 6.84 -13.95
C SER A 390 -16.85 8.29 -13.71
N VAL A 391 -16.13 8.92 -12.79
CA VAL A 391 -16.34 10.33 -12.48
C VAL A 391 -14.98 11.02 -12.45
N ILE A 392 -14.77 11.91 -13.41
CA ILE A 392 -13.51 12.64 -13.49
C ILE A 392 -13.57 13.93 -12.68
N TYR A 393 -12.49 14.24 -11.98
CA TYR A 393 -12.39 15.48 -11.22
C TYR A 393 -11.03 16.07 -11.56
N VAL A 394 -11.03 17.22 -12.23
CA VAL A 394 -9.78 17.86 -12.62
C VAL A 394 -9.12 18.55 -11.45
N THR A 395 -7.90 18.12 -11.16
CA THR A 395 -7.13 18.68 -10.05
C THR A 395 -6.19 19.79 -10.50
N ARG A 396 -5.87 19.83 -11.79
CA ARG A 396 -4.96 20.85 -12.28
C ARG A 396 -5.01 21.02 -13.79
N GLY A 397 -4.75 22.24 -14.24
CA GLY A 397 -4.73 22.48 -15.66
C GLY A 397 -6.05 22.51 -16.39
N LYS A 398 -5.98 22.23 -17.68
CA LYS A 398 -7.15 22.27 -18.53
C LYS A 398 -6.90 21.41 -19.77
N GLY A 399 -7.97 20.92 -20.37
CA GLY A 399 -7.82 20.09 -21.56
C GLY A 399 -9.12 19.79 -22.27
N ARG A 400 -9.03 19.26 -23.47
CA ARG A 400 -10.21 18.93 -24.24
C ARG A 400 -10.64 17.50 -23.96
N VAL A 401 -11.91 17.32 -23.59
CA VAL A 401 -12.45 16.00 -23.28
C VAL A 401 -13.63 15.68 -24.18
N ARG A 402 -13.68 14.47 -24.69
CA ARG A 402 -14.78 14.04 -25.56
C ARG A 402 -15.33 12.69 -25.10
N VAL A 403 -16.66 12.61 -24.98
CA VAL A 403 -17.32 11.38 -24.57
C VAL A 403 -18.39 11.01 -25.61
N VAL A 404 -18.26 9.80 -26.18
CA VAL A 404 -19.16 9.29 -27.21
C VAL A 404 -19.98 8.09 -26.76
N ASN A 405 -21.29 8.12 -27.00
CA ASN A 405 -22.17 7.01 -26.62
C ASN A 405 -22.31 5.96 -27.71
N CSD A 406 -23.22 5.02 -27.50
CA CSD A 406 -23.45 3.92 -28.44
CB CSD A 406 -24.36 2.88 -27.78
SG CSD A 406 -25.87 3.59 -27.16
C CSD A 406 -24.04 4.33 -29.79
O CSD A 406 -24.09 3.50 -30.71
OD1 CSD A 406 -26.85 2.50 -27.03
OD2 CSD A 406 -25.54 4.21 -25.84
N GLN A 407 -24.48 5.57 -29.92
CA GLN A 407 -25.03 6.03 -31.19
C GLN A 407 -23.96 6.80 -31.97
N GLY A 408 -22.77 6.89 -31.40
CA GLY A 408 -21.68 7.59 -32.06
C GLY A 408 -21.80 9.09 -31.89
N ASN A 409 -22.53 9.49 -30.86
CA ASN A 409 -22.76 10.90 -30.57
C ASN A 409 -21.89 11.38 -29.43
N ALA A 410 -21.23 12.50 -29.63
CA ALA A 410 -20.39 13.08 -28.59
C ALA A 410 -21.28 13.75 -27.54
N VAL A 411 -21.68 13.01 -26.51
CA VAL A 411 -22.53 13.57 -25.45
C VAL A 411 -21.78 14.63 -24.66
N PHE A 412 -20.46 14.69 -24.88
CA PHE A 412 -19.65 15.74 -24.28
C PHE A 412 -18.50 16.00 -25.21
N ASP A 413 -18.26 17.28 -25.48
CA ASP A 413 -17.17 17.69 -26.36
C ASP A 413 -16.82 19.12 -26.00
N GLY A 414 -15.88 19.27 -25.07
CA GLY A 414 -15.50 20.61 -24.66
C GLY A 414 -14.36 20.61 -23.68
N GLU A 415 -14.05 21.79 -23.16
CA GLU A 415 -12.96 21.95 -22.21
C GLU A 415 -13.42 21.56 -20.82
N LEU A 416 -12.48 21.06 -20.04
CA LEU A 416 -12.75 20.66 -18.66
C LEU A 416 -11.54 21.21 -17.90
N ARG A 417 -11.80 22.05 -16.91
CA ARG A 417 -10.71 22.63 -16.15
C ARG A 417 -10.81 22.31 -14.67
N ARG A 418 -9.73 22.64 -13.95
CA ARG A 418 -9.62 22.42 -12.53
C ARG A 418 -10.88 22.74 -11.74
N GLY A 419 -11.26 21.82 -10.85
CA GLY A 419 -12.44 22.02 -10.04
C GLY A 419 -13.72 21.55 -10.69
N GLN A 420 -13.65 21.12 -11.94
CA GLN A 420 -14.84 20.64 -12.64
C GLN A 420 -14.97 19.12 -12.57
N LEU A 421 -16.21 18.65 -12.64
CA LEU A 421 -16.53 17.24 -12.55
C LEU A 421 -17.24 16.77 -13.82
N LEU A 422 -16.85 15.59 -14.32
CA LEU A 422 -17.46 15.05 -15.52
C LEU A 422 -17.65 13.54 -15.39
N VAL A 423 -18.88 13.10 -15.53
CA VAL A 423 -19.21 11.68 -15.44
C VAL A 423 -19.01 11.02 -16.79
N VAL A 424 -18.37 9.85 -16.78
CA VAL A 424 -18.18 9.09 -18.01
C VAL A 424 -18.84 7.74 -17.74
N PRO A 425 -20.04 7.53 -18.30
CA PRO A 425 -20.79 6.28 -18.12
C PRO A 425 -20.07 5.05 -18.64
N GLN A 426 -20.32 3.92 -17.99
CA GLN A 426 -19.74 2.65 -18.38
C GLN A 426 -19.89 2.41 -19.89
N ASN A 427 -18.79 1.96 -20.51
CA ASN A 427 -18.75 1.63 -21.94
C ASN A 427 -18.71 2.82 -22.91
N PHE A 428 -19.00 4.02 -22.43
CA PHE A 428 -18.94 5.18 -23.31
C PHE A 428 -17.45 5.43 -23.63
N VAL A 429 -17.15 5.77 -24.87
CA VAL A 429 -15.77 6.00 -25.25
C VAL A 429 -15.35 7.43 -24.95
N VAL A 430 -14.19 7.56 -24.32
CA VAL A 430 -13.68 8.87 -23.93
C VAL A 430 -12.24 9.05 -24.34
N ALA A 431 -11.85 10.31 -24.52
CA ALA A 431 -10.50 10.67 -24.88
C ALA A 431 -10.22 12.05 -24.28
N GLU A 432 -8.96 12.31 -23.95
CA GLU A 432 -8.59 13.59 -23.36
C GLU A 432 -7.30 14.12 -23.98
N GLN A 433 -7.14 15.44 -24.02
CA GLN A 433 -5.93 16.03 -24.53
C GLN A 433 -5.54 17.22 -23.69
N GLY A 434 -4.32 17.18 -23.15
CA GLY A 434 -3.85 18.27 -22.31
C GLY A 434 -3.71 19.57 -23.07
N GLY A 435 -4.04 20.67 -22.38
CA GLY A 435 -3.95 21.99 -22.98
C GLY A 435 -2.55 22.54 -22.88
N GLU A 436 -2.40 23.86 -23.01
CA GLU A 436 -1.10 24.51 -22.95
C GLU A 436 -0.32 24.25 -21.67
N GLN A 437 -1.01 24.14 -20.54
CA GLN A 437 -0.32 23.89 -19.29
C GLN A 437 -0.59 22.47 -18.77
N GLY A 438 -0.94 21.57 -19.67
CA GLY A 438 -1.20 20.21 -19.27
C GLY A 438 -2.54 20.03 -18.59
N LEU A 439 -2.80 18.81 -18.13
CA LEU A 439 -4.04 18.46 -17.47
C LEU A 439 -3.81 17.30 -16.51
N GLU A 440 -4.31 17.44 -15.28
CA GLU A 440 -4.19 16.39 -14.28
C GLU A 440 -5.59 16.15 -13.72
N TYR A 441 -5.95 14.89 -13.54
CA TYR A 441 -7.24 14.56 -12.97
C TYR A 441 -7.30 13.18 -12.34
N VAL A 442 -8.24 13.05 -11.41
CA VAL A 442 -8.48 11.78 -10.75
C VAL A 442 -9.77 11.25 -11.37
N VAL A 443 -9.86 9.93 -11.49
CA VAL A 443 -11.07 9.33 -12.02
C VAL A 443 -11.55 8.30 -11.02
N PHE A 444 -12.71 8.53 -10.42
CA PHE A 444 -13.25 7.54 -9.48
C PHE A 444 -14.05 6.57 -10.34
N LYS A 445 -13.98 5.28 -10.02
CA LYS A 445 -14.70 4.27 -10.78
C LYS A 445 -15.45 3.35 -9.82
N THR A 446 -16.72 3.08 -10.12
CA THR A 446 -17.55 2.27 -9.26
C THR A 446 -17.40 0.75 -9.37
N HIS A 447 -16.17 0.30 -9.20
CA HIS A 447 -15.85 -1.13 -9.22
C HIS A 447 -14.50 -1.27 -8.53
N HIS A 448 -14.34 -2.31 -7.71
CA HIS A 448 -13.09 -2.52 -6.98
C HIS A 448 -11.89 -2.79 -7.87
N ASN A 449 -12.15 -3.25 -9.09
CA ASN A 449 -11.10 -3.53 -10.05
C ASN A 449 -11.56 -3.16 -11.48
N ALA A 450 -11.84 -1.87 -11.67
CA ALA A 450 -12.29 -1.35 -12.95
C ALA A 450 -11.28 -1.65 -14.04
N VAL A 451 -11.76 -2.12 -15.18
CA VAL A 451 -10.90 -2.46 -16.30
C VAL A 451 -11.24 -1.57 -17.50
N SER A 452 -10.23 -1.07 -18.19
CA SER A 452 -10.45 -0.23 -19.35
C SER A 452 -9.78 -0.87 -20.56
N SER A 453 -10.07 -0.33 -21.74
CA SER A 453 -9.49 -0.82 -22.97
C SER A 453 -9.37 0.38 -23.90
N TYR A 454 -8.22 0.53 -24.56
CA TYR A 454 -8.06 1.64 -25.49
C TYR A 454 -8.10 1.07 -26.91
N ILE A 455 -8.74 1.81 -27.81
CA ILE A 455 -8.92 1.36 -29.18
C ILE A 455 -7.67 0.96 -29.93
N LYS A 456 -6.55 1.65 -29.73
CA LYS A 456 -5.32 1.29 -30.42
C LYS A 456 -5.01 -0.19 -30.15
N ASP A 457 -5.10 -0.56 -28.87
CA ASP A 457 -4.83 -1.94 -28.46
C ASP A 457 -5.83 -2.90 -29.10
N VAL A 458 -7.06 -2.43 -29.26
CA VAL A 458 -8.12 -3.26 -29.87
C VAL A 458 -7.76 -3.60 -31.32
N PHE A 459 -7.23 -2.62 -32.05
CA PHE A 459 -6.84 -2.85 -33.44
C PHE A 459 -5.80 -3.97 -33.51
N ARG A 460 -4.86 -3.94 -32.57
CA ARG A 460 -3.79 -4.95 -32.54
C ARG A 460 -4.33 -6.37 -32.33
N ALA A 461 -5.43 -6.50 -31.59
CA ALA A 461 -6.02 -7.80 -31.30
C ALA A 461 -6.88 -8.38 -32.43
N ILE A 462 -7.34 -7.54 -33.33
CA ILE A 462 -8.21 -7.98 -34.43
C ILE A 462 -7.43 -8.27 -35.71
N PRO A 463 -7.76 -9.38 -36.40
CA PRO A 463 -7.09 -9.76 -37.64
C PRO A 463 -7.17 -8.66 -38.72
N SER A 464 -6.09 -8.50 -39.48
CA SER A 464 -6.01 -7.50 -40.55
C SER A 464 -7.22 -7.45 -41.46
N GLU A 465 -7.61 -8.58 -42.00
CA GLU A 465 -8.76 -8.62 -42.91
C GLU A 465 -10.10 -8.28 -42.25
N VAL A 466 -10.22 -8.52 -40.96
CA VAL A 466 -11.46 -8.17 -40.28
C VAL A 466 -11.50 -6.64 -40.26
N LEU A 467 -10.34 -6.05 -39.99
CA LEU A 467 -10.19 -4.60 -39.95
C LEU A 467 -10.37 -4.01 -41.36
N SER A 468 -9.71 -4.61 -42.35
CA SER A 468 -9.80 -4.12 -43.74
C SER A 468 -11.24 -4.08 -44.19
N ASN A 469 -11.95 -5.18 -43.99
CA ASN A 469 -13.34 -5.26 -44.38
C ASN A 469 -14.25 -4.40 -43.52
N SER A 470 -13.84 -4.15 -42.28
CA SER A 470 -14.64 -3.33 -41.37
C SER A 470 -14.59 -1.85 -41.72
N TYR A 471 -13.39 -1.35 -42.01
CA TYR A 471 -13.22 0.05 -42.32
C TYR A 471 -12.90 0.36 -43.78
N ASN A 472 -12.96 -0.65 -44.64
CA ASN A 472 -12.64 -0.46 -46.05
C ASN A 472 -11.25 0.12 -46.20
N LEU A 473 -10.27 -0.52 -45.57
CA LEU A 473 -8.89 -0.07 -45.62
C LEU A 473 -8.05 -1.05 -46.42
N GLY A 474 -6.92 -0.58 -46.91
CA GLY A 474 -6.03 -1.43 -47.67
C GLY A 474 -5.10 -2.09 -46.67
N GLN A 475 -4.53 -3.24 -47.03
CA GLN A 475 -3.62 -3.97 -46.14
C GLN A 475 -2.58 -3.03 -45.55
N SER A 476 -2.06 -2.13 -46.38
CA SER A 476 -1.05 -1.16 -45.98
C SER A 476 -1.52 -0.25 -44.85
N GLN A 477 -2.69 0.36 -45.03
CA GLN A 477 -3.24 1.25 -44.02
C GLN A 477 -3.48 0.49 -42.71
N VAL A 478 -3.97 -0.75 -42.82
CA VAL A 478 -4.22 -1.57 -41.64
C VAL A 478 -2.90 -1.77 -40.91
N ARG A 479 -1.85 -2.08 -41.67
CA ARG A 479 -0.52 -2.29 -41.12
C ARG A 479 -0.12 -1.06 -40.34
N GLN A 480 -0.53 0.10 -40.84
CA GLN A 480 -0.23 1.38 -40.22
C GLN A 480 -0.79 1.44 -38.81
N LEU A 481 -2.10 1.22 -38.69
CA LEU A 481 -2.79 1.24 -37.40
C LEU A 481 -2.18 0.32 -36.37
N LYS A 482 -1.89 -0.92 -36.78
CA LYS A 482 -1.34 -1.93 -35.89
C LYS A 482 0.09 -1.77 -35.40
N TYR A 483 1.02 -1.55 -36.32
CA TYR A 483 2.43 -1.48 -35.95
C TYR A 483 3.15 -0.13 -35.93
N GLN A 484 2.49 0.94 -36.34
CA GLN A 484 3.16 2.25 -36.33
C GLN A 484 2.76 3.17 -35.19
N GLY A 485 3.76 3.82 -34.60
CA GLY A 485 3.53 4.73 -33.49
C GLY A 485 3.81 4.04 -32.17
N ASN A 486 3.63 4.74 -31.06
CA ASN A 486 3.83 4.12 -29.77
C ASN A 486 2.64 3.19 -29.62
N SER A 487 2.81 2.11 -28.85
CA SER A 487 1.73 1.16 -28.67
C SER A 487 0.78 1.52 -27.52
N GLY A 488 1.27 2.29 -26.56
CA GLY A 488 0.47 2.68 -25.41
C GLY A 488 -0.66 3.66 -25.65
N PRO A 489 -1.55 3.84 -24.65
CA PRO A 489 -2.70 4.74 -24.70
C PRO A 489 -2.34 6.24 -24.64
N LEU A 490 -1.17 6.54 -24.10
CA LEU A 490 -0.71 7.92 -23.97
C LEU A 490 0.06 8.29 -25.24
N VAL A 491 -0.50 9.23 -26.00
CA VAL A 491 0.08 9.66 -27.27
C VAL A 491 0.61 11.10 -27.35
N ASN A 492 1.80 11.23 -27.93
CA ASN A 492 2.40 12.54 -28.12
C ASN A 492 2.21 12.88 -29.61
N PRO A 493 1.19 13.68 -29.93
CA PRO A 493 0.87 14.08 -31.30
C PRO A 493 1.98 14.88 -31.99
N ASN B 7 12.04 -34.02 13.79
CA ASN B 7 12.32 -33.25 15.04
C ASN B 7 13.15 -32.02 14.73
N GLU B 8 12.95 -31.47 13.53
CA GLU B 8 13.69 -30.30 13.09
C GLU B 8 13.56 -29.07 13.99
N CYS B 9 12.49 -28.99 14.79
CA CYS B 9 12.33 -27.85 15.67
C CYS B 9 12.48 -28.16 17.15
N GLN B 10 12.99 -29.34 17.47
CA GLN B 10 13.22 -29.69 18.87
C GLN B 10 14.61 -29.15 19.17
N LEU B 11 14.69 -27.84 19.32
CA LEU B 11 15.97 -27.20 19.58
C LEU B 11 16.07 -26.75 21.04
N ASN B 12 17.12 -27.21 21.72
CA ASN B 12 17.32 -26.86 23.12
C ASN B 12 18.15 -25.59 23.23
N ASN B 13 18.67 -25.13 22.10
CA ASN B 13 19.48 -23.93 22.06
C ASN B 13 19.27 -23.20 20.73
N LEU B 14 19.22 -21.88 20.79
CA LEU B 14 19.08 -21.06 19.60
C LEU B 14 20.23 -20.07 19.61
N ASN B 15 20.95 -19.96 18.51
CA ASN B 15 22.06 -19.02 18.44
C ASN B 15 21.74 -17.80 17.58
N ALA B 16 22.35 -16.67 17.96
CA ALA B 16 22.20 -15.44 17.20
C ALA B 16 23.15 -15.70 16.04
N LEU B 17 22.65 -15.67 14.82
CA LEU B 17 23.46 -15.98 13.64
C LEU B 17 23.85 -14.80 12.75
N GLU B 18 25.03 -14.91 12.15
CA GLU B 18 25.56 -13.90 11.24
C GLU B 18 25.93 -14.59 9.93
N PRO B 19 26.12 -13.83 8.85
CA PRO B 19 26.46 -14.41 7.55
C PRO B 19 27.63 -15.39 7.58
N ASP B 20 27.51 -16.48 6.82
CA ASP B 20 28.54 -17.52 6.73
C ASP B 20 29.38 -17.47 5.46
N HIS B 21 28.78 -17.04 4.35
CA HIS B 21 29.48 -16.98 3.08
C HIS B 21 29.38 -15.61 2.42
N ARG B 22 30.44 -15.22 1.70
CA ARG B 22 30.48 -13.93 1.04
C ARG B 22 30.83 -14.07 -0.44
N VAL B 23 30.21 -13.24 -1.27
CA VAL B 23 30.47 -13.22 -2.71
C VAL B 23 30.75 -11.77 -3.06
N GLU B 24 32.02 -11.45 -3.28
CA GLU B 24 32.41 -10.10 -3.64
C GLU B 24 32.35 -9.91 -5.16
N SER B 25 31.56 -8.93 -5.60
CA SER B 25 31.40 -8.64 -7.01
C SER B 25 31.92 -7.26 -7.34
N GLU B 26 32.00 -6.95 -8.62
CA GLU B 26 32.46 -5.66 -9.06
C GLU B 26 31.66 -4.52 -8.44
N GLY B 27 30.33 -4.61 -8.56
CA GLY B 27 29.49 -3.55 -8.04
C GLY B 27 28.82 -3.76 -6.69
N GLY B 28 29.17 -4.84 -6.01
CA GLY B 28 28.55 -5.08 -4.71
C GLY B 28 29.01 -6.30 -3.95
N LEU B 29 28.21 -6.68 -2.96
CA LEU B 29 28.51 -7.80 -2.10
C LEU B 29 27.24 -8.58 -1.76
N ILE B 30 27.38 -9.90 -1.66
CA ILE B 30 26.27 -10.76 -1.30
C ILE B 30 26.74 -11.64 -0.15
N GLU B 31 26.03 -11.59 0.96
CA GLU B 31 26.36 -12.37 2.14
C GLU B 31 25.19 -13.28 2.44
N THR B 32 25.47 -14.57 2.63
CA THR B 32 24.39 -15.50 2.93
C THR B 32 24.61 -16.25 4.22
N TRP B 33 23.50 -16.60 4.87
CA TRP B 33 23.54 -17.41 6.10
C TRP B 33 23.41 -18.84 5.57
N ASN B 34 24.20 -19.76 6.10
CA ASN B 34 24.14 -21.15 5.67
C ASN B 34 22.73 -21.69 5.99
N SER B 35 22.04 -22.20 4.99
CA SER B 35 20.68 -22.72 5.21
C SER B 35 20.64 -23.98 6.07
N GLN B 36 21.80 -24.54 6.40
CA GLN B 36 21.84 -25.75 7.19
C GLN B 36 21.94 -25.58 8.70
N HIS B 37 21.93 -24.34 9.17
CA HIS B 37 21.94 -24.10 10.61
C HIS B 37 20.64 -24.72 11.11
N PRO B 38 20.68 -25.49 12.20
CA PRO B 38 19.44 -26.09 12.69
C PRO B 38 18.28 -25.12 12.92
N GLU B 39 18.58 -23.90 13.33
CA GLU B 39 17.53 -22.91 13.58
C GLU B 39 16.79 -22.58 12.29
N LEU B 40 17.57 -22.37 11.21
CA LEU B 40 17.00 -22.05 9.92
C LEU B 40 16.27 -23.24 9.28
N GLN B 41 16.75 -24.45 9.58
CA GLN B 41 16.08 -25.64 9.04
C GLN B 41 14.72 -25.78 9.70
N CYS B 42 14.65 -25.42 10.98
CA CYS B 42 13.39 -25.49 11.70
C CYS B 42 12.40 -24.48 11.11
N ALA B 43 12.91 -23.30 10.78
CA ALA B 43 12.10 -22.22 10.23
C ALA B 43 11.75 -22.44 8.75
N GLY B 44 12.53 -23.26 8.07
CA GLY B 44 12.27 -23.53 6.66
C GLY B 44 12.56 -22.33 5.78
N VAL B 45 13.65 -21.63 6.08
CA VAL B 45 14.03 -20.44 5.32
C VAL B 45 15.53 -20.23 5.45
N THR B 46 16.04 -19.24 4.73
CA THR B 46 17.43 -18.83 4.85
C THR B 46 17.43 -17.34 4.56
N VAL B 47 18.55 -16.68 4.81
CA VAL B 47 18.61 -15.24 4.60
C VAL B 47 19.84 -14.83 3.79
N SER B 48 19.68 -13.75 3.03
CA SER B 48 20.74 -13.22 2.20
C SER B 48 20.82 -11.70 2.32
N LYS B 49 22.00 -11.18 2.61
CA LYS B 49 22.21 -9.73 2.74
C LYS B 49 22.89 -9.25 1.48
N ARG B 50 22.27 -8.31 0.77
CA ARG B 50 22.84 -7.80 -0.47
C ARG B 50 23.24 -6.34 -0.39
N THR B 51 24.40 -6.04 -0.96
CA THR B 51 24.89 -4.67 -0.97
C THR B 51 25.17 -4.23 -2.38
N LEU B 52 24.53 -3.14 -2.80
CA LEU B 52 24.74 -2.60 -4.12
C LEU B 52 25.52 -1.32 -3.92
N ASN B 53 26.74 -1.28 -4.42
CA ASN B 53 27.56 -0.09 -4.28
C ASN B 53 27.04 0.96 -5.26
N ARG B 54 27.64 2.15 -5.23
CA ARG B 54 27.25 3.24 -6.11
C ARG B 54 27.17 2.74 -7.55
N ASN B 55 26.08 3.05 -8.23
CA ASN B 55 25.86 2.62 -9.61
C ASN B 55 25.81 1.09 -9.72
N GLY B 56 25.57 0.42 -8.59
CA GLY B 56 25.52 -1.03 -8.60
C GLY B 56 24.25 -1.60 -9.20
N LEU B 57 24.41 -2.59 -10.07
CA LEU B 57 23.28 -3.24 -10.72
C LEU B 57 23.29 -4.74 -10.47
N HIS B 58 22.24 -5.22 -9.82
CA HIS B 58 22.12 -6.65 -9.53
C HIS B 58 21.48 -7.26 -10.77
N LEU B 59 22.26 -8.06 -11.49
CA LEU B 59 21.78 -8.70 -12.72
C LEU B 59 20.50 -9.51 -12.53
N PRO B 60 19.60 -9.48 -13.53
CA PRO B 60 18.33 -10.21 -13.47
C PRO B 60 18.41 -11.69 -13.12
N SER B 61 17.57 -12.10 -12.18
CA SER B 61 17.52 -13.49 -11.73
C SER B 61 16.14 -13.81 -11.15
N TYR B 62 15.89 -15.10 -10.93
CA TYR B 62 14.65 -15.55 -10.32
C TYR B 62 14.90 -16.80 -9.49
N SER B 63 14.03 -17.05 -8.51
CA SER B 63 14.13 -18.21 -7.63
C SER B 63 12.74 -18.84 -7.52
N PRO B 64 12.68 -20.15 -7.26
CA PRO B 64 11.42 -20.90 -7.14
C PRO B 64 10.66 -20.77 -5.81
N TYR B 65 10.78 -19.63 -5.15
CA TYR B 65 10.08 -19.39 -3.90
C TYR B 65 10.01 -17.89 -3.71
N PRO B 66 9.10 -17.41 -2.86
CA PRO B 66 9.10 -15.95 -2.72
C PRO B 66 10.20 -15.44 -1.80
N GLN B 67 10.53 -14.16 -1.96
CA GLN B 67 11.53 -13.52 -1.12
C GLN B 67 10.87 -12.26 -0.57
N MET B 68 11.15 -11.96 0.68
CA MET B 68 10.64 -10.73 1.28
C MET B 68 11.91 -10.00 1.68
N ILE B 69 12.10 -8.81 1.10
CA ILE B 69 13.30 -8.03 1.34
C ILE B 69 13.03 -6.71 2.05
N ILE B 70 13.89 -6.37 3.00
CA ILE B 70 13.77 -5.09 3.68
C ILE B 70 15.03 -4.31 3.34
N VAL B 71 14.83 -3.10 2.83
CA VAL B 71 15.96 -2.24 2.47
C VAL B 71 16.33 -1.49 3.73
N VAL B 72 17.53 -1.74 4.25
CA VAL B 72 17.95 -1.08 5.47
C VAL B 72 18.85 0.13 5.23
N GLN B 73 19.23 0.38 3.98
CA GLN B 73 20.09 1.52 3.67
C GLN B 73 20.11 1.89 2.19
N GLY B 74 20.02 3.19 1.91
CA GLY B 74 20.07 3.65 0.54
C GLY B 74 18.75 3.73 -0.20
N LYS B 75 18.85 3.92 -1.51
CA LYS B 75 17.68 4.01 -2.36
C LYS B 75 17.99 3.51 -3.76
N GLY B 76 16.99 2.95 -4.42
CA GLY B 76 17.19 2.44 -5.75
C GLY B 76 15.89 2.11 -6.46
N ALA B 77 16.00 1.29 -7.49
CA ALA B 77 14.85 0.90 -8.27
C ALA B 77 14.91 -0.58 -8.53
N ILE B 78 13.74 -1.21 -8.59
CA ILE B 78 13.66 -2.63 -8.87
C ILE B 78 12.68 -2.80 -10.03
N GLY B 79 13.01 -3.72 -10.92
CA GLY B 79 12.13 -3.98 -12.05
C GLY B 79 11.90 -5.46 -12.18
N PHE B 80 10.65 -5.85 -12.47
CA PHE B 80 10.33 -7.25 -12.64
C PHE B 80 9.95 -7.52 -14.09
N ALA B 81 9.96 -8.79 -14.46
CA ALA B 81 9.57 -9.20 -15.80
C ALA B 81 8.37 -10.14 -15.67
N PHE B 82 7.17 -9.58 -15.64
CA PHE B 82 5.96 -10.39 -15.54
C PHE B 82 5.67 -10.96 -16.92
N PRO B 83 5.54 -12.29 -17.01
CA PRO B 83 5.28 -12.96 -18.29
C PRO B 83 4.03 -12.54 -19.04
N GLY B 84 4.21 -12.20 -20.31
CA GLY B 84 3.08 -11.82 -21.14
C GLY B 84 2.47 -10.45 -20.93
N CYS B 85 2.99 -9.70 -19.96
CA CYS B 85 2.46 -8.38 -19.70
C CYS B 85 3.00 -7.31 -20.65
N PRO B 86 2.18 -6.29 -20.97
CA PRO B 86 2.60 -5.21 -21.87
C PRO B 86 3.68 -4.32 -21.28
N GLU B 87 4.49 -3.71 -22.15
CA GLU B 87 5.55 -2.81 -21.69
C GLU B 87 4.86 -1.45 -21.66
N THR B 88 4.36 -1.07 -20.49
CA THR B 88 3.64 0.19 -20.31
C THR B 88 4.48 1.45 -20.19
N PHE B 89 5.80 1.29 -20.11
CA PHE B 89 6.71 2.43 -20.04
C PHE B 89 7.37 2.50 -21.40
N GLU B 90 7.00 3.48 -22.22
CA GLU B 90 7.60 3.58 -23.53
C GLU B 90 8.14 4.98 -23.81
N LYS B 91 9.19 5.04 -24.61
CA LYS B 91 9.82 6.29 -24.96
C LYS B 91 9.96 6.41 -26.46
N PRO B 92 9.25 7.36 -27.08
CA PRO B 92 9.33 7.53 -28.54
C PRO B 92 10.72 8.03 -28.93
N GLN B 93 11.20 7.61 -30.10
CA GLN B 93 12.52 8.02 -30.58
C GLN B 93 12.54 9.51 -30.94
N GLN B 106 7.87 6.13 -33.35
CA GLN B 106 8.73 4.95 -33.35
C GLN B 106 9.46 4.82 -32.02
N LEU B 107 9.24 3.70 -31.33
CA LEU B 107 9.84 3.45 -30.03
C LEU B 107 11.36 3.35 -30.01
N GLN B 108 11.96 4.06 -29.06
CA GLN B 108 13.41 4.06 -28.87
C GLN B 108 13.70 2.97 -27.83
N ASP B 109 12.71 2.71 -26.99
CA ASP B 109 12.80 1.68 -25.96
C ASP B 109 11.47 1.59 -25.23
N SER B 110 11.19 0.42 -24.69
CA SER B 110 9.98 0.18 -23.92
C SER B 110 10.30 -0.97 -22.99
N HIS B 111 9.70 -0.94 -21.81
CA HIS B 111 9.92 -1.99 -20.81
C HIS B 111 8.79 -1.92 -19.80
N GLN B 112 8.84 -2.75 -18.77
CA GLN B 112 7.78 -2.73 -17.77
C GLN B 112 8.04 -1.70 -16.68
N LYS B 113 7.03 -1.47 -15.86
CA LYS B 113 7.10 -0.48 -14.79
C LYS B 113 8.36 -0.55 -13.92
N ILE B 114 8.89 0.62 -13.61
CA ILE B 114 10.07 0.72 -12.74
C ILE B 114 9.56 1.15 -11.39
N ARG B 115 9.89 0.39 -10.36
CA ARG B 115 9.44 0.72 -9.01
C ARG B 115 10.62 1.22 -8.18
N HIS B 116 10.40 2.32 -7.48
CA HIS B 116 11.43 2.91 -6.64
C HIS B 116 11.27 2.47 -5.20
N PHE B 117 12.39 2.34 -4.49
CA PHE B 117 12.36 1.95 -3.09
C PHE B 117 13.35 2.78 -2.29
N ASN B 118 13.09 2.85 -0.99
CA ASN B 118 13.94 3.60 -0.06
C ASN B 118 14.12 2.76 1.19
N GLU B 119 15.08 3.17 2.02
CA GLU B 119 15.34 2.47 3.27
C GLU B 119 14.05 2.44 4.08
N GLY B 120 13.76 1.29 4.68
CA GLY B 120 12.54 1.16 5.46
C GLY B 120 11.45 0.46 4.66
N ASP B 121 11.69 0.30 3.37
CA ASP B 121 10.74 -0.36 2.47
C ASP B 121 10.95 -1.86 2.43
N VAL B 122 9.86 -2.59 2.22
CA VAL B 122 9.90 -4.02 2.08
C VAL B 122 9.55 -4.29 0.64
N LEU B 123 10.26 -5.23 0.02
CA LEU B 123 10.02 -5.59 -1.37
C LEU B 123 9.67 -7.07 -1.37
N VAL B 124 8.83 -7.49 -2.29
CA VAL B 124 8.44 -8.90 -2.38
C VAL B 124 8.73 -9.42 -3.78
N ILE B 125 9.46 -10.53 -3.88
CA ILE B 125 9.78 -11.12 -5.18
C ILE B 125 8.93 -12.38 -5.36
N PRO B 126 8.06 -12.41 -6.39
CA PRO B 126 7.23 -13.60 -6.63
C PRO B 126 8.06 -14.77 -7.14
N PRO B 127 7.61 -16.01 -6.84
CA PRO B 127 8.35 -17.18 -7.30
C PRO B 127 8.42 -17.21 -8.83
N GLY B 128 9.59 -17.54 -9.35
CA GLY B 128 9.79 -17.64 -10.79
C GLY B 128 9.81 -16.36 -11.58
N VAL B 129 9.51 -15.23 -10.95
CA VAL B 129 9.50 -13.96 -11.64
C VAL B 129 10.88 -13.29 -11.62
N PRO B 130 11.43 -12.98 -12.80
CA PRO B 130 12.75 -12.34 -12.90
C PRO B 130 12.72 -10.92 -12.32
N TYR B 131 13.80 -10.52 -11.66
CA TYR B 131 13.88 -9.17 -11.13
C TYR B 131 15.33 -8.70 -11.12
N TRP B 132 15.51 -7.39 -11.19
CA TRP B 132 16.82 -6.75 -11.17
C TRP B 132 16.69 -5.49 -10.33
N THR B 133 17.78 -5.06 -9.71
CA THR B 133 17.76 -3.85 -8.89
C THR B 133 18.96 -2.98 -9.20
N TYR B 134 18.83 -1.68 -8.96
CA TYR B 134 19.89 -0.73 -9.24
C TYR B 134 19.93 0.36 -8.18
N ASN B 135 21.14 0.73 -7.78
CA ASN B 135 21.34 1.76 -6.77
C ASN B 135 21.28 3.11 -7.49
N THR B 136 20.30 3.93 -7.10
CA THR B 136 20.12 5.24 -7.71
C THR B 136 20.69 6.37 -6.86
N GLY B 137 21.30 6.03 -5.72
CA GLY B 137 21.85 7.05 -4.85
C GLY B 137 23.35 6.96 -4.69
N ASP B 138 23.90 7.76 -3.78
CA ASP B 138 25.34 7.77 -3.56
C ASP B 138 25.81 6.70 -2.60
N GLU B 139 25.17 6.60 -1.44
CA GLU B 139 25.57 5.59 -0.49
C GLU B 139 25.15 4.22 -1.02
N PRO B 140 25.78 3.15 -0.52
CA PRO B 140 25.42 1.81 -1.00
C PRO B 140 24.05 1.36 -0.50
N VAL B 141 23.39 0.54 -1.30
CA VAL B 141 22.09 0.01 -0.91
C VAL B 141 22.35 -1.29 -0.17
N VAL B 142 21.78 -1.41 1.02
CA VAL B 142 21.92 -2.62 1.81
C VAL B 142 20.51 -3.19 2.04
N ALA B 143 20.31 -4.44 1.63
CA ALA B 143 19.01 -5.09 1.79
C ALA B 143 19.15 -6.48 2.38
N ILE B 144 18.18 -6.87 3.20
CA ILE B 144 18.18 -8.18 3.82
C ILE B 144 16.99 -8.97 3.29
N SER B 145 17.28 -10.09 2.63
CA SER B 145 16.24 -10.89 2.04
C SER B 145 15.93 -12.20 2.75
N LEU B 146 14.64 -12.40 3.04
CA LEU B 146 14.17 -13.64 3.65
C LEU B 146 13.83 -14.54 2.46
N LEU B 147 14.58 -15.62 2.30
CA LEU B 147 14.35 -16.58 1.22
C LEU B 147 13.44 -17.69 1.77
N ASP B 148 12.16 -17.60 1.46
CA ASP B 148 11.18 -18.57 1.94
C ASP B 148 11.24 -19.89 1.17
N THR B 149 12.35 -20.61 1.33
CA THR B 149 12.59 -21.89 0.66
C THR B 149 11.54 -22.97 0.95
N SER B 150 10.96 -22.98 2.14
CA SER B 150 9.98 -24.00 2.49
C SER B 150 8.57 -23.66 2.00
N ASN B 151 8.41 -22.52 1.35
CA ASN B 151 7.09 -22.13 0.84
C ASN B 151 6.47 -23.23 0.00
N PHE B 152 5.16 -23.42 0.18
CA PHE B 152 4.41 -24.45 -0.54
C PHE B 152 4.61 -24.39 -2.05
N ASN B 153 4.81 -23.19 -2.60
CA ASN B 153 5.00 -23.00 -4.04
C ASN B 153 6.31 -23.56 -4.59
N ASN B 154 7.25 -23.86 -3.71
CA ASN B 154 8.55 -24.40 -4.13
C ASN B 154 8.40 -25.91 -4.24
N GLN B 155 8.31 -26.39 -5.48
CA GLN B 155 8.12 -27.82 -5.73
C GLN B 155 9.41 -28.59 -5.98
N LEU B 156 10.55 -27.94 -5.75
CA LEU B 156 11.84 -28.59 -5.95
C LEU B 156 12.26 -29.27 -4.66
N ASP B 157 13.12 -28.63 -3.87
CA ASP B 157 13.51 -29.16 -2.57
C ASP B 157 13.90 -27.98 -1.70
N GLN B 158 14.30 -28.25 -0.46
CA GLN B 158 14.62 -27.19 0.49
C GLN B 158 15.80 -26.28 0.17
N ASN B 159 16.63 -26.66 -0.81
CA ASN B 159 17.79 -25.84 -1.13
C ASN B 159 17.45 -24.51 -1.79
N PRO B 160 18.20 -23.46 -1.42
CA PRO B 160 17.96 -22.14 -2.01
C PRO B 160 18.55 -22.25 -3.42
N ARG B 161 17.96 -21.56 -4.38
CA ARG B 161 18.44 -21.61 -5.75
C ARG B 161 18.24 -20.26 -6.41
N VAL B 162 19.23 -19.84 -7.21
CA VAL B 162 19.14 -18.56 -7.93
C VAL B 162 19.43 -18.81 -9.40
N PHE B 163 18.45 -18.56 -10.26
CA PHE B 163 18.61 -18.74 -11.69
C PHE B 163 18.94 -17.39 -12.31
N TYR B 164 20.19 -17.20 -12.72
CA TYR B 164 20.57 -15.93 -13.34
C TYR B 164 20.30 -15.95 -14.83
N LEU B 165 19.72 -14.86 -15.33
CA LEU B 165 19.43 -14.74 -16.74
C LEU B 165 20.62 -14.11 -17.48
N ALA B 166 21.53 -13.52 -16.70
CA ALA B 166 22.71 -12.87 -17.29
C ALA B 166 23.92 -12.94 -16.38
N GLY B 167 25.08 -12.66 -16.95
CA GLY B 167 26.32 -12.66 -16.19
C GLY B 167 26.92 -14.03 -15.94
N ASN B 168 28.02 -14.03 -15.20
CA ASN B 168 28.71 -15.25 -14.81
C ASN B 168 28.84 -15.15 -13.30
N PRO B 169 27.81 -15.59 -12.57
CA PRO B 169 27.79 -15.54 -11.10
C PRO B 169 28.59 -16.60 -10.39
N ASP B 170 28.88 -16.35 -9.13
CA ASP B 170 29.55 -17.31 -8.27
C ASP B 170 28.38 -17.88 -7.44
N ILE B 171 28.56 -19.07 -6.87
CA ILE B 171 27.50 -19.68 -6.06
C ILE B 171 27.23 -18.81 -4.84
N GLU B 172 25.97 -18.53 -4.56
CA GLU B 172 25.63 -17.70 -3.41
C GLU B 172 25.35 -18.53 -2.18
N HIS B 173 24.95 -19.78 -2.39
CA HIS B 173 24.66 -20.69 -1.29
C HIS B 173 25.49 -21.94 -1.54
N PRO B 174 26.79 -21.87 -1.23
CA PRO B 174 27.75 -22.96 -1.41
C PRO B 174 27.40 -24.25 -0.69
N GLU B 175 26.74 -24.13 0.46
CA GLU B 175 26.35 -25.32 1.21
C GLU B 175 25.50 -26.27 0.39
N THR B 176 24.90 -25.77 -0.70
CA THR B 176 24.05 -26.61 -1.54
C THR B 176 24.82 -27.42 -2.59
N MET B 177 26.09 -27.07 -2.82
CA MET B 177 26.87 -27.79 -3.82
C MET B 177 27.30 -29.16 -3.35
N GLN B 178 26.94 -29.51 -2.12
CA GLN B 178 27.28 -30.82 -1.58
C GLN B 178 26.11 -31.78 -1.75
N GLU B 200 31.10 -24.38 -10.23
CA GLU B 200 30.99 -22.93 -10.33
C GLU B 200 29.64 -22.48 -10.85
N GLY B 201 29.44 -21.16 -10.88
CA GLY B 201 28.18 -20.62 -11.35
C GLY B 201 28.14 -20.30 -12.84
N GLY B 202 26.92 -20.17 -13.35
CA GLY B 202 26.72 -19.85 -14.76
C GLY B 202 25.28 -19.39 -14.94
N SER B 203 25.02 -18.56 -15.94
CA SER B 203 23.66 -18.09 -16.19
C SER B 203 22.90 -19.22 -16.89
N VAL B 204 21.58 -19.11 -16.95
CA VAL B 204 20.81 -20.15 -17.60
C VAL B 204 21.04 -20.12 -19.10
N LEU B 205 21.37 -18.94 -19.61
CA LEU B 205 21.63 -18.77 -21.04
C LEU B 205 22.97 -19.41 -21.45
N SER B 206 23.93 -19.45 -20.53
CA SER B 206 25.23 -20.04 -20.84
C SER B 206 25.11 -21.56 -21.01
N GLY B 207 23.93 -22.10 -20.73
CA GLY B 207 23.71 -23.53 -20.87
C GLY B 207 23.29 -23.93 -22.27
N PHE B 208 23.05 -22.94 -23.11
CA PHE B 208 22.65 -23.15 -24.49
C PHE B 208 23.78 -22.71 -25.42
N SER B 209 23.86 -23.33 -26.60
CA SER B 209 24.91 -22.98 -27.57
C SER B 209 24.55 -21.66 -28.25
N LYS B 210 25.55 -20.89 -28.65
CA LYS B 210 25.28 -19.61 -29.31
C LYS B 210 24.49 -19.82 -30.59
N HIS B 211 24.73 -20.95 -31.26
CA HIS B 211 24.02 -21.23 -32.49
C HIS B 211 22.52 -21.34 -32.25
N PHE B 212 22.15 -22.08 -31.20
CA PHE B 212 20.73 -22.26 -30.89
C PHE B 212 20.11 -20.97 -30.36
N LEU B 213 20.86 -20.22 -29.57
CA LEU B 213 20.33 -18.95 -29.06
C LEU B 213 20.14 -18.03 -30.25
N ALA B 214 21.08 -18.08 -31.19
CA ALA B 214 21.02 -17.24 -32.39
C ALA B 214 19.71 -17.51 -33.13
N GLN B 215 19.38 -18.78 -33.32
CA GLN B 215 18.15 -19.15 -34.01
C GLN B 215 16.91 -18.85 -33.16
N SER B 216 16.96 -19.23 -31.89
CA SER B 216 15.87 -19.01 -30.96
C SER B 216 15.42 -17.56 -30.90
N PHE B 217 16.40 -16.67 -30.72
CA PHE B 217 16.14 -15.24 -30.60
C PHE B 217 16.22 -14.47 -31.91
N ASN B 218 16.36 -15.18 -33.03
CA ASN B 218 16.44 -14.53 -34.34
C ASN B 218 17.48 -13.43 -34.33
N THR B 219 18.68 -13.76 -33.90
CA THR B 219 19.77 -12.78 -33.84
C THR B 219 21.02 -13.40 -34.45
N ASN B 220 22.11 -12.63 -34.52
CA ASN B 220 23.35 -13.15 -35.07
C ASN B 220 24.11 -13.87 -33.96
N GLU B 221 25.04 -14.75 -34.34
CA GLU B 221 25.81 -15.52 -33.36
C GLU B 221 26.72 -14.66 -32.49
N ASP B 222 27.03 -13.45 -32.95
CA ASP B 222 27.88 -12.56 -32.17
C ASP B 222 27.08 -12.12 -30.95
N THR B 223 25.84 -11.67 -31.19
CA THR B 223 24.97 -11.24 -30.12
C THR B 223 24.67 -12.42 -29.19
N ALA B 224 24.38 -13.57 -29.80
CA ALA B 224 24.07 -14.78 -29.05
C ALA B 224 25.21 -15.23 -28.13
N GLU B 225 26.45 -15.07 -28.60
CA GLU B 225 27.59 -15.47 -27.77
C GLU B 225 27.67 -14.56 -26.55
N LYS B 226 27.43 -13.28 -26.74
CA LYS B 226 27.47 -12.34 -25.62
C LYS B 226 26.36 -12.64 -24.63
N LEU B 227 25.27 -13.22 -25.10
CA LEU B 227 24.15 -13.57 -24.24
C LEU B 227 24.54 -14.68 -23.27
N ARG B 228 25.64 -15.36 -23.58
CA ARG B 228 26.13 -16.46 -22.75
C ARG B 228 27.17 -15.99 -21.72
N SER B 229 27.51 -14.70 -21.76
CA SER B 229 28.49 -14.12 -20.84
C SER B 229 29.77 -14.94 -20.76
N PRO B 230 30.36 -15.29 -21.92
CA PRO B 230 31.59 -16.09 -21.94
C PRO B 230 32.85 -15.50 -21.30
N ASP B 231 33.05 -14.19 -21.42
CA ASP B 231 34.26 -13.55 -20.86
C ASP B 231 33.98 -12.62 -19.67
N ASP B 232 32.74 -12.59 -19.21
CA ASP B 232 32.34 -11.72 -18.11
C ASP B 232 32.95 -12.18 -16.79
N GLU B 233 33.66 -11.28 -16.12
CA GLU B 233 34.30 -11.60 -14.84
C GLU B 233 33.80 -10.67 -13.73
N ARG B 234 32.72 -9.95 -13.99
CA ARG B 234 32.18 -9.01 -13.01
C ARG B 234 31.33 -9.68 -11.92
N LYS B 235 30.80 -10.86 -12.22
CA LYS B 235 29.94 -11.61 -11.31
C LYS B 235 28.53 -11.02 -11.29
N GLN B 236 27.66 -11.52 -10.41
CA GLN B 236 26.26 -11.11 -10.33
C GLN B 236 25.85 -9.66 -10.04
N ILE B 237 26.77 -8.86 -9.50
CA ILE B 237 26.46 -7.46 -9.23
C ILE B 237 27.54 -6.65 -9.94
N VAL B 238 27.13 -5.87 -10.92
CA VAL B 238 28.07 -5.07 -11.70
C VAL B 238 27.95 -3.58 -11.46
N THR B 239 28.98 -2.85 -11.86
CA THR B 239 28.99 -1.40 -11.73
C THR B 239 28.67 -0.82 -13.09
N VAL B 240 27.65 0.04 -13.15
CA VAL B 240 27.25 0.66 -14.39
C VAL B 240 28.00 1.98 -14.52
N GLU B 241 29.03 1.99 -15.37
CA GLU B 241 29.84 3.18 -15.56
C GLU B 241 29.02 4.25 -16.26
N GLY B 242 28.99 5.44 -15.68
CA GLY B 242 28.25 6.54 -16.24
C GLY B 242 26.82 6.59 -15.72
N GLY B 243 26.46 5.60 -14.91
CA GLY B 243 25.11 5.56 -14.36
C GLY B 243 24.13 4.93 -15.32
N LEU B 244 23.06 4.35 -14.79
CA LEU B 244 22.05 3.70 -15.63
C LEU B 244 20.89 4.64 -15.94
N SER B 245 20.34 4.49 -17.14
CA SER B 245 19.20 5.30 -17.57
C SER B 245 18.07 4.38 -18.03
N VAL B 246 16.89 4.57 -17.45
CA VAL B 246 15.71 3.80 -17.81
C VAL B 246 14.54 4.76 -17.88
N ILE B 247 13.45 4.33 -18.49
CA ILE B 247 12.27 5.19 -18.59
C ILE B 247 11.60 5.25 -17.23
N SER B 248 11.39 6.46 -16.72
CA SER B 248 10.72 6.63 -15.42
C SER B 248 10.43 8.11 -15.15
N PRO B 249 9.25 8.40 -14.60
CA PRO B 249 8.84 9.79 -14.28
C PRO B 249 9.80 10.41 -13.29
N LYS B 250 10.42 9.57 -12.47
CA LYS B 250 11.35 10.00 -11.44
C LYS B 250 12.65 9.21 -11.68
N TRP B 251 13.77 9.92 -11.80
CA TRP B 251 15.04 9.24 -12.02
C TRP B 251 16.23 10.19 -11.99
N GLY B 321 -6.64 -2.87 -19.18
CA GLY B 321 -6.79 -4.31 -19.17
C GLY B 321 -5.94 -4.94 -18.08
N VAL B 322 -5.23 -6.01 -18.43
CA VAL B 322 -4.36 -6.69 -17.47
C VAL B 322 -3.27 -5.76 -16.95
N GLU B 323 -2.97 -4.70 -17.71
CA GLU B 323 -1.93 -3.75 -17.31
C GLU B 323 -2.33 -3.00 -16.04
N GLU B 324 -3.63 -2.80 -15.85
CA GLU B 324 -4.14 -2.05 -14.70
C GLU B 324 -4.14 -2.81 -13.38
N ASN B 325 -4.18 -4.13 -13.45
CA ASN B 325 -4.21 -4.93 -12.23
C ASN B 325 -3.03 -5.89 -12.10
N ILE B 326 -3.28 -7.16 -12.40
CA ILE B 326 -2.28 -8.21 -12.30
C ILE B 326 -0.88 -7.80 -12.76
N CYS B 327 -0.78 -7.30 -13.97
CA CYS B 327 0.51 -6.89 -14.51
C CYS B 327 1.16 -5.75 -13.72
N THR B 328 0.45 -5.21 -12.75
CA THR B 328 0.98 -4.14 -11.90
C THR B 328 0.89 -4.49 -10.40
N MET B 329 0.89 -5.79 -10.11
CA MET B 329 0.87 -6.35 -8.75
C MET B 329 1.74 -5.47 -7.84
N LYS B 330 1.16 -4.88 -6.80
CA LYS B 330 1.91 -4.03 -5.87
C LYS B 330 2.89 -4.94 -5.14
N LEU B 331 4.18 -4.64 -5.23
CA LEU B 331 5.17 -5.49 -4.61
C LEU B 331 6.16 -4.80 -3.68
N HIS B 332 5.74 -3.68 -3.11
CA HIS B 332 6.60 -2.97 -2.19
C HIS B 332 5.77 -2.06 -1.31
N GLU B 333 6.21 -1.91 -0.06
CA GLU B 333 5.51 -1.10 0.91
C GLU B 333 6.49 -0.65 1.98
N ASN B 334 6.35 0.58 2.47
CA ASN B 334 7.24 1.03 3.53
C ASN B 334 6.74 0.36 4.80
N ILE B 335 7.67 -0.09 5.64
CA ILE B 335 7.25 -0.73 6.90
C ILE B 335 7.84 -0.04 8.13
N ALA B 336 8.97 0.63 7.96
CA ALA B 336 9.66 1.26 9.07
C ALA B 336 9.32 2.69 9.48
N ARG B 337 8.69 3.47 8.61
CA ARG B 337 8.34 4.85 8.95
C ARG B 337 7.53 4.92 10.24
N PRO B 338 7.94 5.80 11.17
CA PRO B 338 7.28 5.98 12.46
C PRO B 338 5.76 6.10 12.38
N SER B 339 5.27 6.89 11.43
CA SER B 339 3.84 7.12 11.27
C SER B 339 3.01 5.88 10.88
N ARG B 340 3.66 4.80 10.49
CA ARG B 340 2.94 3.58 10.10
C ARG B 340 2.72 2.62 11.26
N ALA B 341 3.09 3.05 12.46
CA ALA B 341 2.96 2.23 13.66
C ALA B 341 1.53 1.75 13.91
N ASP B 342 1.40 0.48 14.28
CA ASP B 342 0.10 -0.11 14.57
C ASP B 342 -0.12 -0.17 16.08
N PHE B 343 0.97 -0.26 16.82
CA PHE B 343 0.97 -0.26 18.29
C PHE B 343 1.97 0.84 18.66
N TYR B 344 1.65 1.64 19.67
CA TYR B 344 2.56 2.71 20.06
C TYR B 344 2.39 3.20 21.48
N ASN B 345 3.54 3.35 22.17
CA ASN B 345 3.63 3.84 23.54
C ASN B 345 4.85 4.76 23.49
N PRO B 346 4.63 6.09 23.51
CA PRO B 346 5.72 7.07 23.44
C PRO B 346 6.92 6.81 24.35
N LYS B 347 6.72 6.08 25.43
CA LYS B 347 7.81 5.82 26.36
C LYS B 347 8.39 4.41 26.29
N ALA B 348 7.91 3.59 25.35
CA ALA B 348 8.40 2.22 25.22
C ALA B 348 8.85 1.84 23.80
N GLY B 349 8.05 2.20 22.80
CA GLY B 349 8.42 1.88 21.43
C GLY B 349 7.23 1.76 20.49
N ARG B 350 7.41 1.07 19.37
CA ARG B 350 6.33 0.90 18.41
C ARG B 350 6.42 -0.41 17.63
N ILE B 351 5.27 -0.87 17.15
CA ILE B 351 5.21 -2.10 16.36
C ILE B 351 4.36 -1.84 15.13
N SER B 352 4.88 -2.23 13.98
CA SER B 352 4.16 -2.04 12.72
C SER B 352 4.03 -3.39 12.02
N THR B 353 2.84 -3.67 11.49
CA THR B 353 2.59 -4.95 10.81
C THR B 353 2.34 -4.79 9.32
N LEU B 354 2.96 -5.67 8.54
CA LEU B 354 2.80 -5.69 7.09
C LEU B 354 2.38 -7.11 6.74
N ASN B 355 1.14 -7.26 6.29
CA ASN B 355 0.62 -8.57 5.93
C ASN B 355 -0.23 -8.47 4.67
N SER B 356 -0.99 -9.51 4.38
CA SER B 356 -1.83 -9.56 3.19
C SER B 356 -2.95 -8.53 3.16
N LEU B 357 -3.25 -7.93 4.32
CA LEU B 357 -4.30 -6.91 4.35
C LEU B 357 -3.75 -5.57 3.87
N THR B 358 -2.43 -5.48 3.78
CA THR B 358 -1.79 -4.26 3.29
C THR B 358 -1.22 -4.50 1.90
N LEU B 359 -0.55 -5.64 1.74
CA LEU B 359 0.05 -6.00 0.46
C LEU B 359 -0.61 -7.33 0.09
N PRO B 360 -1.74 -7.28 -0.66
CA PRO B 360 -2.48 -8.47 -1.08
C PRO B 360 -1.71 -9.60 -1.75
N ALA B 361 -0.60 -9.28 -2.41
CA ALA B 361 0.21 -10.31 -3.06
C ALA B 361 0.74 -11.33 -2.04
N LEU B 362 0.90 -10.88 -0.80
CA LEU B 362 1.41 -11.74 0.25
C LEU B 362 0.52 -12.94 0.54
N ARG B 363 -0.76 -12.82 0.21
CA ARG B 363 -1.69 -13.91 0.45
C ARG B 363 -1.24 -15.19 -0.25
N GLN B 364 -0.74 -15.08 -1.47
CA GLN B 364 -0.28 -16.26 -2.19
C GLN B 364 1.14 -16.69 -1.82
N PHE B 365 1.91 -15.81 -1.18
CA PHE B 365 3.29 -16.12 -0.83
C PHE B 365 3.53 -16.61 0.59
N GLY B 366 2.50 -16.57 1.42
CA GLY B 366 2.62 -17.02 2.80
C GLY B 366 3.67 -16.30 3.66
N LEU B 367 3.77 -14.99 3.48
CA LEU B 367 4.73 -14.22 4.27
C LEU B 367 4.18 -12.90 4.77
N SER B 368 4.67 -12.47 5.93
CA SER B 368 4.29 -11.21 6.52
C SER B 368 5.47 -10.75 7.36
N ALA B 369 5.35 -9.57 7.95
CA ALA B 369 6.45 -9.06 8.78
C ALA B 369 6.00 -7.97 9.72
N GLN B 370 6.89 -7.65 10.66
CA GLN B 370 6.65 -6.58 11.61
C GLN B 370 7.96 -5.82 11.75
N TYR B 371 7.85 -4.53 12.05
CA TYR B 371 9.02 -3.72 12.29
C TYR B 371 8.82 -3.22 13.70
N VAL B 372 9.79 -3.49 14.56
CA VAL B 372 9.70 -3.10 15.95
C VAL B 372 10.79 -2.13 16.36
N VAL B 373 10.40 -1.08 17.07
CA VAL B 373 11.35 -0.10 17.58
C VAL B 373 11.14 0.03 19.09
N LEU B 374 12.16 -0.34 19.86
CA LEU B 374 12.09 -0.24 21.31
C LEU B 374 13.06 0.83 21.75
N TYR B 375 12.59 1.75 22.58
CA TYR B 375 13.43 2.81 23.07
C TYR B 375 14.19 2.26 24.28
N ARG B 376 15.12 3.05 24.79
CA ARG B 376 15.94 2.65 25.94
C ARG B 376 15.06 2.04 27.02
N ASN B 377 15.39 0.80 27.38
CA ASN B 377 14.66 0.07 28.41
C ASN B 377 13.23 -0.32 28.03
N GLY B 378 12.84 0.01 26.81
CA GLY B 378 11.49 -0.33 26.36
C GLY B 378 11.31 -1.83 26.27
N ILE B 379 10.18 -2.31 26.73
CA ILE B 379 9.91 -3.75 26.72
C ILE B 379 8.74 -4.19 25.85
N TYR B 380 8.96 -5.29 25.12
CA TYR B 380 7.93 -5.90 24.29
C TYR B 380 7.66 -7.16 25.13
N SER B 381 6.65 -7.07 26.02
CA SER B 381 6.32 -8.16 26.93
C SER B 381 6.15 -9.54 26.28
N PRO B 382 6.30 -10.61 27.07
CA PRO B 382 6.17 -11.99 26.60
C PRO B 382 4.98 -12.20 25.67
N HIS B 383 5.28 -12.64 24.45
CA HIS B 383 4.25 -12.89 23.44
C HIS B 383 4.72 -14.06 22.59
N TRP B 384 3.81 -14.61 21.78
CA TRP B 384 4.15 -15.71 20.88
C TRP B 384 3.32 -15.60 19.60
N ASN B 385 3.77 -16.29 18.57
CA ASN B 385 3.06 -16.28 17.30
C ASN B 385 2.28 -17.59 17.24
N LEU B 386 0.98 -17.46 17.04
CA LEU B 386 0.08 -18.59 16.99
C LEU B 386 0.24 -19.49 15.77
N ASN B 387 0.41 -18.87 14.61
CA ASN B 387 0.47 -19.62 13.36
C ASN B 387 1.68 -19.43 12.45
N ALA B 388 2.85 -19.13 13.00
CA ALA B 388 3.99 -18.96 12.13
C ALA B 388 5.34 -18.95 12.83
N ASN B 389 6.36 -19.43 12.12
CA ASN B 389 7.72 -19.37 12.64
C ASN B 389 8.12 -17.93 12.34
N SER B 390 9.12 -17.43 13.06
CA SER B 390 9.55 -16.05 12.85
C SER B 390 11.06 -15.96 12.79
N VAL B 391 11.55 -14.94 12.11
CA VAL B 391 13.00 -14.71 12.01
C VAL B 391 13.26 -13.23 12.24
N ILE B 392 13.95 -12.93 13.32
CA ILE B 392 14.29 -11.56 13.67
C ILE B 392 15.64 -11.17 13.11
N TYR B 393 15.72 -9.98 12.52
CA TYR B 393 16.98 -9.46 12.03
C TYR B 393 17.09 -8.07 12.65
N VAL B 394 18.11 -7.85 13.46
CA VAL B 394 18.26 -6.55 14.10
C VAL B 394 18.84 -5.54 13.12
N THR B 395 18.13 -4.44 12.94
CA THR B 395 18.54 -3.41 12.01
C THR B 395 19.33 -2.30 12.69
N ARG B 396 19.21 -2.21 14.01
CA ARG B 396 19.94 -1.18 14.73
C ARG B 396 19.85 -1.36 16.24
N GLY B 397 20.87 -0.90 16.95
CA GLY B 397 20.86 -0.99 18.39
C GLY B 397 21.19 -2.34 18.97
N LYS B 398 20.69 -2.58 20.18
CA LYS B 398 20.97 -3.81 20.87
C LYS B 398 19.99 -3.98 22.02
N GLY B 399 19.69 -5.22 22.38
CA GLY B 399 18.78 -5.46 23.48
C GLY B 399 18.87 -6.87 23.99
N ARG B 400 18.21 -7.12 25.12
CA ARG B 400 18.20 -8.44 25.73
C ARG B 400 16.97 -9.18 25.19
N VAL B 401 17.20 -10.37 24.63
CA VAL B 401 16.12 -11.18 24.09
C VAL B 401 16.08 -12.53 24.79
N ARG B 402 14.86 -13.02 25.03
CA ARG B 402 14.67 -14.30 25.69
C ARG B 402 13.58 -15.09 24.98
N VAL B 403 13.91 -16.34 24.61
CA VAL B 403 12.97 -17.22 23.94
C VAL B 403 12.81 -18.46 24.82
N VAL B 404 11.56 -18.80 25.14
CA VAL B 404 11.24 -19.93 26.01
C VAL B 404 10.40 -20.97 25.25
N ASN B 405 10.76 -22.25 25.37
CA ASN B 405 10.02 -23.32 24.68
C ASN B 405 8.89 -23.93 25.52
N CSD B 406 8.31 -25.03 25.04
CA CSD B 406 7.20 -25.67 25.73
CB CSD B 406 6.47 -26.65 24.78
SG CSD B 406 7.49 -27.87 23.92
C CSD B 406 7.56 -26.39 27.03
O CSD B 406 6.68 -26.92 27.72
OD1 CSD B 406 8.46 -27.13 23.08
OD2 CSD B 406 8.15 -28.67 24.95
N GLN B 407 8.84 -26.42 27.37
CA GLN B 407 9.27 -27.04 28.62
C GLN B 407 9.68 -25.97 29.63
N GLY B 408 9.40 -24.71 29.30
CA GLY B 408 9.74 -23.61 30.19
C GLY B 408 11.22 -23.29 30.23
N ASN B 409 11.95 -23.71 29.20
CA ASN B 409 13.38 -23.47 29.14
C ASN B 409 13.69 -22.36 28.15
N ALA B 410 14.60 -21.47 28.55
CA ALA B 410 15.00 -20.37 27.69
C ALA B 410 16.05 -20.85 26.69
N VAL B 411 15.61 -21.23 25.50
CA VAL B 411 16.51 -21.71 24.46
C VAL B 411 17.42 -20.61 23.97
N PHE B 412 17.05 -19.38 24.30
CA PHE B 412 17.88 -18.23 23.98
C PHE B 412 17.68 -17.22 25.09
N ASP B 413 18.78 -16.62 25.53
CA ASP B 413 18.73 -15.63 26.59
C ASP B 413 20.02 -14.83 26.52
N GLY B 414 19.98 -13.71 25.83
CA GLY B 414 21.18 -12.91 25.71
C GLY B 414 20.97 -11.64 24.93
N GLU B 415 22.07 -10.96 24.64
CA GLU B 415 22.03 -9.71 23.89
C GLU B 415 21.91 -10.05 22.42
N LEU B 416 21.20 -9.20 21.69
CA LEU B 416 21.03 -9.37 20.26
C LEU B 416 21.27 -7.98 19.69
N ARG B 417 22.17 -7.87 18.71
CA ARG B 417 22.47 -6.57 18.14
C ARG B 417 22.44 -6.51 16.62
N ARG B 418 22.61 -5.30 16.11
CA ARG B 418 22.58 -5.06 14.68
C ARG B 418 23.34 -6.10 13.86
N GLY B 419 22.67 -6.61 12.82
CA GLY B 419 23.27 -7.59 11.94
C GLY B 419 23.05 -9.05 12.31
N GLN B 420 22.51 -9.29 13.50
CA GLN B 420 22.28 -10.66 13.92
C GLN B 420 20.88 -11.15 13.59
N LEU B 421 20.78 -12.46 13.36
CA LEU B 421 19.55 -13.13 12.99
C LEU B 421 19.15 -14.11 14.09
N LEU B 422 17.91 -14.05 14.55
CA LEU B 422 17.44 -14.97 15.60
C LEU B 422 16.08 -15.55 15.25
N VAL B 423 16.03 -16.88 15.18
CA VAL B 423 14.80 -17.57 14.86
C VAL B 423 13.93 -17.76 16.09
N VAL B 424 12.64 -17.46 15.96
CA VAL B 424 11.72 -17.66 17.07
C VAL B 424 10.65 -18.62 16.54
N PRO B 425 10.77 -19.91 16.88
CA PRO B 425 9.82 -20.94 16.44
C PRO B 425 8.38 -20.65 16.81
N GLN B 426 7.46 -21.15 15.98
CA GLN B 426 6.04 -20.98 16.20
C GLN B 426 5.71 -21.41 17.63
N ASN B 427 4.84 -20.64 18.28
CA ASN B 427 4.40 -20.89 19.65
C ASN B 427 5.43 -20.70 20.77
N PHE B 428 6.71 -20.52 20.43
CA PHE B 428 7.69 -20.28 21.50
C PHE B 428 7.43 -18.87 22.00
N VAL B 429 7.60 -18.65 23.30
CA VAL B 429 7.37 -17.34 23.88
C VAL B 429 8.63 -16.50 23.86
N VAL B 430 8.50 -15.26 23.38
CA VAL B 430 9.63 -14.35 23.30
C VAL B 430 9.36 -12.99 23.91
N ALA B 431 10.42 -12.33 24.36
CA ALA B 431 10.32 -11.00 24.95
C ALA B 431 11.61 -10.24 24.63
N GLU B 432 11.49 -8.92 24.49
CA GLU B 432 12.64 -8.08 24.16
C GLU B 432 12.66 -6.78 24.96
N GLN B 433 13.86 -6.34 25.33
CA GLN B 433 14.02 -5.08 26.05
C GLN B 433 15.13 -4.27 25.42
N GLY B 434 14.79 -3.06 24.98
CA GLY B 434 15.77 -2.20 24.35
C GLY B 434 16.95 -1.90 25.25
N GLY B 435 18.14 -1.89 24.66
CA GLY B 435 19.34 -1.62 25.43
C GLY B 435 19.52 -0.13 25.66
N GLU B 436 20.78 0.25 25.86
CA GLU B 436 21.14 1.63 26.12
C GLU B 436 20.80 2.55 24.95
N GLN B 437 21.07 2.08 23.73
CA GLN B 437 20.80 2.87 22.53
C GLN B 437 19.50 2.47 21.86
N GLY B 438 18.71 1.65 22.55
CA GLY B 438 17.45 1.22 21.99
C GLY B 438 17.68 -0.01 21.12
N LEU B 439 16.61 -0.48 20.49
CA LEU B 439 16.68 -1.66 19.64
C LEU B 439 15.64 -1.59 18.53
N GLU B 440 16.07 -1.90 17.31
CA GLU B 440 15.16 -1.89 16.16
C GLU B 440 15.39 -3.18 15.37
N TYR B 441 14.30 -3.77 14.90
CA TYR B 441 14.43 -4.97 14.11
C TYR B 441 13.19 -5.28 13.29
N VAL B 442 13.37 -6.09 12.26
CA VAL B 442 12.26 -6.52 11.44
C VAL B 442 12.08 -7.98 11.81
N VAL B 443 10.87 -8.49 11.70
CA VAL B 443 10.62 -9.88 12.01
C VAL B 443 9.86 -10.46 10.86
N PHE B 444 10.46 -11.42 10.17
CA PHE B 444 9.78 -12.07 9.07
C PHE B 444 8.97 -13.23 9.66
N LYS B 445 7.73 -13.40 9.20
CA LYS B 445 6.90 -14.49 9.70
C LYS B 445 6.37 -15.27 8.51
N THR B 446 6.46 -16.60 8.59
CA THR B 446 6.04 -17.48 7.50
C THR B 446 4.55 -17.77 7.35
N HIS B 447 3.75 -16.71 7.34
CA HIS B 447 2.32 -16.79 7.15
C HIS B 447 1.91 -15.42 6.61
N HIS B 448 0.96 -15.41 5.66
CA HIS B 448 0.50 -14.17 5.03
C HIS B 448 -0.21 -13.22 5.99
N ASN B 449 -0.70 -13.77 7.09
CA ASN B 449 -1.41 -12.98 8.10
C ASN B 449 -1.09 -13.57 9.47
N ALA B 450 0.19 -13.53 9.83
CA ALA B 450 0.66 -14.07 11.10
C ALA B 450 0.02 -13.32 12.26
N VAL B 451 -0.44 -14.07 13.26
CA VAL B 451 -1.08 -13.44 14.41
C VAL B 451 -0.34 -13.81 15.67
N SER B 452 -0.17 -12.83 16.55
CA SER B 452 0.52 -13.08 17.80
C SER B 452 -0.39 -12.75 18.98
N SER B 453 0.04 -13.16 20.15
CA SER B 453 -0.71 -12.89 21.37
C SER B 453 0.29 -12.54 22.44
N TYR B 454 -0.04 -11.57 23.30
CA TYR B 454 0.87 -11.22 24.38
C TYR B 454 0.19 -11.64 25.70
N ILE B 455 0.98 -12.17 26.62
CA ILE B 455 0.42 -12.67 27.87
C ILE B 455 -0.38 -11.68 28.71
N LYS B 456 -0.02 -10.41 28.72
CA LYS B 456 -0.80 -9.44 29.48
C LYS B 456 -2.26 -9.51 29.03
N ASP B 457 -2.46 -9.51 27.72
CA ASP B 457 -3.80 -9.56 27.13
C ASP B 457 -4.48 -10.89 27.47
N VAL B 458 -3.70 -11.95 27.62
CA VAL B 458 -4.24 -13.26 27.96
C VAL B 458 -4.83 -13.23 29.36
N PHE B 459 -4.11 -12.59 30.29
CA PHE B 459 -4.61 -12.50 31.66
C PHE B 459 -5.99 -11.82 31.67
N ARG B 460 -6.14 -10.79 30.85
CA ARG B 460 -7.40 -10.06 30.78
C ARG B 460 -8.57 -10.90 30.27
N ALA B 461 -8.26 -11.89 29.44
CA ALA B 461 -9.30 -12.75 28.87
C ALA B 461 -9.73 -13.89 29.77
N ILE B 462 -8.90 -14.23 30.75
CA ILE B 462 -9.18 -15.34 31.67
C ILE B 462 -9.87 -14.88 32.95
N PRO B 463 -10.88 -15.66 33.41
CA PRO B 463 -11.61 -15.29 34.63
C PRO B 463 -10.70 -15.17 35.84
N SER B 464 -10.97 -14.16 36.66
CA SER B 464 -10.19 -13.91 37.86
C SER B 464 -9.90 -15.16 38.68
N GLU B 465 -10.91 -15.96 38.94
CA GLU B 465 -10.73 -17.17 39.74
C GLU B 465 -9.95 -18.26 39.02
N VAL B 466 -9.89 -18.21 37.69
CA VAL B 466 -9.12 -19.23 36.98
C VAL B 466 -7.67 -18.85 37.22
N LEU B 467 -7.40 -17.55 37.18
CA LEU B 467 -6.05 -17.03 37.41
C LEU B 467 -5.60 -17.29 38.86
N SER B 468 -6.49 -17.05 39.82
CA SER B 468 -6.17 -17.27 41.23
C SER B 468 -5.74 -18.70 41.49
N ASN B 469 -6.57 -19.64 41.04
CA ASN B 469 -6.28 -21.06 41.23
C ASN B 469 -5.11 -21.55 40.38
N SER B 470 -4.83 -20.86 39.28
CA SER B 470 -3.72 -21.26 38.42
C SER B 470 -2.38 -20.89 39.01
N TYR B 471 -2.28 -19.67 39.54
CA TYR B 471 -1.03 -19.18 40.11
C TYR B 471 -1.03 -19.01 41.63
N ASN B 472 -2.10 -19.44 42.28
CA ASN B 472 -2.19 -19.30 43.73
C ASN B 472 -2.00 -17.83 44.07
N LEU B 473 -2.84 -16.98 43.49
CA LEU B 473 -2.77 -15.55 43.71
C LEU B 473 -4.02 -15.06 44.42
N GLY B 474 -3.88 -13.96 45.15
CA GLY B 474 -5.02 -13.39 45.85
C GLY B 474 -5.86 -12.57 44.89
N GLN B 475 -7.14 -12.39 45.24
CA GLN B 475 -8.05 -11.61 44.43
C GLN B 475 -7.47 -10.25 44.06
N SER B 476 -6.85 -9.58 45.04
CA SER B 476 -6.28 -8.26 44.78
C SER B 476 -5.09 -8.36 43.82
N GLN B 477 -4.24 -9.37 44.02
CA GLN B 477 -3.09 -9.55 43.14
C GLN B 477 -3.56 -9.76 41.70
N VAL B 478 -4.55 -10.62 41.52
CA VAL B 478 -5.09 -10.89 40.19
C VAL B 478 -5.64 -9.62 39.57
N ARG B 479 -6.39 -8.87 40.37
CA ARG B 479 -6.98 -7.63 39.92
C ARG B 479 -5.93 -6.65 39.39
N GLN B 480 -4.80 -6.56 40.09
CA GLN B 480 -3.72 -5.67 39.69
C GLN B 480 -3.10 -6.13 38.38
N LEU B 481 -3.07 -7.44 38.16
CA LEU B 481 -2.50 -8.00 36.93
C LEU B 481 -3.39 -7.70 35.73
N LYS B 482 -4.70 -7.88 35.92
CA LYS B 482 -5.67 -7.67 34.86
C LYS B 482 -6.03 -6.23 34.56
N TYR B 483 -5.94 -5.34 35.56
CA TYR B 483 -6.35 -3.97 35.34
C TYR B 483 -5.32 -2.85 35.54
N GLN B 484 -4.25 -3.09 36.27
CA GLN B 484 -3.27 -2.04 36.49
C GLN B 484 -2.13 -2.00 35.49
N GLY B 485 -1.65 -0.79 35.20
CA GLY B 485 -0.56 -0.61 34.27
C GLY B 485 -1.03 -0.36 32.85
N ASN B 486 -0.10 0.03 31.97
CA ASN B 486 -0.44 0.28 30.57
C ASN B 486 -1.05 -1.01 30.03
N SER B 487 -1.92 -0.88 29.04
CA SER B 487 -2.62 -2.03 28.48
C SER B 487 -1.90 -2.81 27.37
N GLY B 488 -1.22 -2.10 26.49
CA GLY B 488 -0.54 -2.76 25.38
C GLY B 488 0.65 -3.65 25.65
N PRO B 489 1.25 -4.21 24.59
CA PRO B 489 2.42 -5.10 24.64
C PRO B 489 3.74 -4.36 24.84
N LEU B 490 3.72 -3.04 24.63
CA LEU B 490 4.93 -2.25 24.79
C LEU B 490 4.91 -1.63 26.19
N VAL B 491 5.90 -2.02 27.00
CA VAL B 491 6.00 -1.56 28.38
C VAL B 491 7.19 -0.69 28.75
N ASN B 492 6.93 0.42 29.42
CA ASN B 492 8.00 1.29 29.88
C ASN B 492 8.14 0.98 31.36
N PRO B 493 9.15 0.18 31.73
CA PRO B 493 9.34 -0.15 33.14
C PRO B 493 9.71 1.06 34.00
C CO3 C . -12.91 15.11 5.51
O1 CO3 C . -12.25 15.91 4.75
O2 CO3 C . -13.74 14.28 4.99
O3 CO3 C . -12.73 15.15 6.78
MG MG D . -10.24 8.77 -18.37
C CO3 E . 18.55 -7.22 -4.32
O1 CO3 E . 19.06 -6.83 -5.42
O2 CO3 E . 18.12 -8.42 -4.23
O3 CO3 E . 18.47 -6.40 -3.33
MG MG F . 9.16 -10.30 18.27
#